data_1T9C
#
_entry.id   1T9C
#
_cell.length_a   154.486
_cell.length_b   154.486
_cell.length_c   178.796
_cell.angle_alpha   90.00
_cell.angle_beta   90.00
_cell.angle_gamma   90.00
#
_symmetry.space_group_name_H-M   'P 4 2 2'
#
loop_
_entity.id
_entity.type
_entity.pdbx_description
1 polymer 'Acetolactate synthase, mitochondrial'
2 non-polymer 'POTASSIUM ION'
3 non-polymer 'MAGNESIUM ION'
4 non-polymer 'METHYL 2-[({[(4,6-DIMETHYLPYRIMIDIN-2-YL)AMINO]CARBONYL}AMINO)SULFONYL]BENZOATE'
5 non-polymer 'FLAVIN-ADENINE DINUCLEOTIDE'
6 non-polymer 'ETHYL DIHYDROGEN DIPHOSPHATE'
7 non-polymer 'PROPYL TRIHYDROGEN DIPHOSPHATE'
8 water water
#
_entity_poly.entity_id   1
_entity_poly.type   'polypeptide(L)'
_entity_poly.pdbx_seq_one_letter_code
;MHHHHHHSSGLVPRGSGMKETAAAKFERQHMDSPDLGTDDDDKAMGSAPSFNVDPLEQPAEPSKLAKKLRAEPDMDTSFV
GLTGGQIFNEMMSRQNVDTVFGYPGGAILPVYDAIHNSDKFNFVLPKHEQGAGHMAEGYARASGKPGVVLVTSGPGATNV
VTPMADAFADGIPMVVFTGQVPTSAIGTDAFQEADVVGISRSCTKWNVMVKSVEELPLRINEAFEIATSGRPGPVLVDLP
KDVTAAILRNPIPTKTTLPSNALNQLTSRAQDEFVMQSINKAADLINLAKKPVLYVGAGILNHADGPRLLKELSDRAQIP
VTTTLQGLGSFDQEDPKSLDMLGMHGCATANLAVQNADLIIAVGARFDDRVTGNISKFAPEARRAAAEGRGGIIHFEVSP
KNINKVVQTQIAVEGDATTNLGKMMSKIFPVKERSEWFAQINKWKKEYPYAYMEETPGSKIKPQTVIKKLSKVANDTGRH
VIVTTGVGQHQMWAAQHWTWRNPHTFITSGGLGTMGYGLPAAIGAQVAKPESLVIDIDGDASFNMTLTELSSAVQAGTPV
KILILNNEEQGMVTQWQSLFYEHRYSHTHQLNPDFIKLAEAMGLKGLRVKKQEELDAKLKEFVSTKGPVLLEVEVDKKVP
VLPMVAGGSGLDEFINFDPEVERQQTELRHKRTGGKH
;
_entity_poly.pdbx_strand_id   A,B
#
loop_
_chem_comp.id
_chem_comp.type
_chem_comp.name
_chem_comp.formula
1SM non-polymer 'METHYL 2-[({[(4,6-DIMETHYLPYRIMIDIN-2-YL)AMINO]CARBONYL}AMINO)SULFONYL]BENZOATE' 'C15 H16 N4 O5 S'
FAD non-polymer 'FLAVIN-ADENINE DINUCLEOTIDE' 'C27 H33 N9 O15 P2'
K non-polymer 'POTASSIUM ION' 'K 1'
MG non-polymer 'MAGNESIUM ION' 'Mg 2'
P22 non-polymer 'ETHYL DIHYDROGEN DIPHOSPHATE' 'C2 H8 O7 P2'
P23 non-polymer 'PROPYL TRIHYDROGEN DIPHOSPHATE' 'C3 H10 O7 P2'
#
# COMPACT_ATOMS: atom_id res chain seq x y z
N MET A 75 -1.46 -42.58 -5.44
CA MET A 75 -0.43 -41.71 -4.88
C MET A 75 0.62 -41.29 -5.91
N ASP A 76 1.26 -40.16 -5.62
CA ASP A 76 2.30 -39.61 -6.49
C ASP A 76 3.56 -39.42 -5.66
N THR A 77 4.69 -39.93 -6.15
CA THR A 77 5.93 -39.81 -5.43
C THR A 77 6.97 -38.97 -6.18
N SER A 78 6.58 -38.47 -7.35
CA SER A 78 7.50 -37.67 -8.17
C SER A 78 8.05 -36.41 -7.51
N PHE A 79 7.39 -35.90 -6.48
CA PHE A 79 7.86 -34.70 -5.80
C PHE A 79 8.68 -35.01 -4.54
N VAL A 80 8.69 -36.27 -4.13
CA VAL A 80 9.43 -36.68 -2.94
C VAL A 80 10.90 -36.33 -3.08
N GLY A 81 11.43 -35.57 -2.12
CA GLY A 81 12.82 -35.17 -2.18
C GLY A 81 13.00 -33.70 -2.53
N LEU A 82 11.97 -33.09 -3.10
CA LEU A 82 12.05 -31.67 -3.47
C LEU A 82 11.63 -30.79 -2.30
N THR A 83 12.09 -29.54 -2.34
CA THR A 83 11.73 -28.58 -1.30
C THR A 83 10.39 -27.98 -1.72
N GLY A 84 9.73 -27.29 -0.79
CA GLY A 84 8.46 -26.67 -1.12
C GLY A 84 8.69 -25.65 -2.23
N GLY A 85 9.82 -24.95 -2.15
CA GLY A 85 10.13 -23.96 -3.16
C GLY A 85 10.24 -24.57 -4.55
N GLN A 86 10.93 -25.70 -4.65
CA GLN A 86 11.10 -26.36 -5.94
C GLN A 86 9.76 -26.90 -6.43
N ILE A 87 8.91 -27.32 -5.51
CA ILE A 87 7.59 -27.82 -5.88
C ILE A 87 6.78 -26.63 -6.40
N PHE A 88 6.97 -25.46 -5.77
CA PHE A 88 6.28 -24.25 -6.20
C PHE A 88 6.66 -23.96 -7.65
N ASN A 89 7.96 -23.96 -7.89
CA ASN A 89 8.51 -23.70 -9.22
C ASN A 89 7.89 -24.67 -10.22
N GLU A 90 7.85 -25.95 -9.84
CA GLU A 90 7.30 -26.99 -10.70
C GLU A 90 5.82 -26.80 -10.99
N MET A 91 5.05 -26.38 -9.99
CA MET A 91 3.62 -26.18 -10.18
C MET A 91 3.30 -24.99 -11.10
N MET A 92 4.22 -24.03 -11.17
CA MET A 92 4.01 -22.88 -12.03
C MET A 92 3.92 -23.31 -13.51
N SER A 93 4.85 -24.16 -13.96
CA SER A 93 4.80 -24.59 -15.34
C SER A 93 3.60 -25.50 -15.60
N ARG A 94 3.12 -26.18 -14.55
CA ARG A 94 1.96 -27.05 -14.72
C ARG A 94 0.70 -26.20 -14.82
N GLN A 95 0.75 -25.00 -14.28
CA GLN A 95 -0.38 -24.09 -14.32
C GLN A 95 -0.27 -23.12 -15.49
N ASN A 96 0.67 -23.42 -16.39
CA ASN A 96 0.90 -22.61 -17.58
C ASN A 96 1.24 -21.16 -17.27
N VAL A 97 2.01 -20.93 -16.20
CA VAL A 97 2.42 -19.59 -15.81
C VAL A 97 3.70 -19.20 -16.57
N ASP A 98 3.67 -18.09 -17.30
CA ASP A 98 4.84 -17.65 -18.05
C ASP A 98 5.45 -16.37 -17.48
N THR A 99 4.74 -15.76 -16.53
CA THR A 99 5.20 -14.53 -15.93
C THR A 99 4.84 -14.42 -14.46
N VAL A 100 5.78 -13.94 -13.65
CA VAL A 100 5.55 -13.77 -12.23
C VAL A 100 6.03 -12.36 -11.83
N PHE A 101 5.19 -11.65 -11.08
CA PHE A 101 5.53 -10.30 -10.63
C PHE A 101 5.76 -10.40 -9.12
N GLY A 102 6.92 -9.93 -8.66
CA GLY A 102 7.19 -10.02 -7.24
C GLY A 102 8.39 -9.25 -6.73
N TYR A 103 8.61 -9.34 -5.43
CA TYR A 103 9.71 -8.66 -4.76
C TYR A 103 10.16 -9.56 -3.61
N PRO A 104 11.48 -9.86 -3.54
CA PRO A 104 12.12 -10.73 -2.54
C PRO A 104 12.01 -10.24 -1.10
N GLY A 105 12.18 -11.19 -0.18
CA GLY A 105 12.14 -10.90 1.24
C GLY A 105 12.56 -12.12 2.02
N GLY A 106 12.87 -11.95 3.31
CA GLY A 106 13.30 -13.08 4.12
C GLY A 106 12.40 -14.31 4.13
N ALA A 107 11.15 -14.13 4.54
CA ALA A 107 10.19 -15.22 4.62
C ALA A 107 9.98 -16.00 3.33
N ILE A 108 10.10 -15.33 2.20
CA ILE A 108 9.88 -15.98 0.91
C ILE A 108 11.17 -16.42 0.20
N LEU A 109 12.31 -16.31 0.88
CA LEU A 109 13.59 -16.68 0.28
C LEU A 109 13.67 -18.11 -0.28
N PRO A 110 13.13 -19.10 0.47
CA PRO A 110 13.19 -20.48 -0.03
C PRO A 110 12.58 -20.62 -1.42
N VAL A 111 11.53 -19.85 -1.71
CA VAL A 111 10.89 -19.91 -3.02
C VAL A 111 11.73 -19.16 -4.04
N TYR A 112 12.30 -18.03 -3.65
CA TYR A 112 13.14 -17.26 -4.57
C TYR A 112 14.38 -18.05 -4.95
N ASP A 113 14.98 -18.75 -3.99
CA ASP A 113 16.17 -19.55 -4.30
C ASP A 113 15.80 -20.63 -5.32
N ALA A 114 14.56 -21.13 -5.23
CA ALA A 114 14.09 -22.17 -6.13
C ALA A 114 13.76 -21.67 -7.55
N ILE A 115 13.39 -20.40 -7.68
CA ILE A 115 13.08 -19.86 -9.00
C ILE A 115 14.27 -19.13 -9.59
N HIS A 116 15.39 -19.15 -8.87
CA HIS A 116 16.63 -18.49 -9.30
C HIS A 116 17.07 -19.04 -10.67
N ASN A 117 17.14 -18.15 -11.66
CA ASN A 117 17.55 -18.53 -13.02
C ASN A 117 16.57 -19.48 -13.71
N SER A 118 15.38 -19.63 -13.15
CA SER A 118 14.40 -20.54 -13.73
C SER A 118 14.02 -20.15 -15.15
N ASP A 119 13.94 -21.15 -16.03
CA ASP A 119 13.59 -20.93 -17.43
C ASP A 119 12.08 -21.10 -17.64
N LYS A 120 11.37 -21.47 -16.57
CA LYS A 120 9.93 -21.69 -16.65
C LYS A 120 9.12 -20.41 -16.86
N PHE A 121 9.66 -19.26 -16.46
CA PHE A 121 8.91 -18.02 -16.60
C PHE A 121 9.75 -16.77 -16.44
N ASN A 122 9.23 -15.66 -16.96
CA ASN A 122 9.92 -14.38 -16.84
C ASN A 122 9.51 -13.78 -15.51
N PHE A 123 10.47 -13.20 -14.80
CA PHE A 123 10.20 -12.58 -13.52
C PHE A 123 10.26 -11.07 -13.68
N VAL A 124 9.27 -10.37 -13.16
CA VAL A 124 9.24 -8.92 -13.26
C VAL A 124 9.34 -8.31 -11.87
N LEU A 125 10.38 -7.49 -11.68
CA LEU A 125 10.64 -6.86 -10.39
C LEU A 125 10.20 -5.38 -10.38
N PRO A 126 9.33 -5.01 -9.43
CA PRO A 126 8.88 -3.63 -9.33
C PRO A 126 9.73 -2.96 -8.25
N LYS A 127 9.37 -1.75 -7.86
CA LYS A 127 10.11 -1.05 -6.81
C LYS A 127 9.31 -1.13 -5.51
N HIS A 128 8.02 -1.41 -5.64
CA HIS A 128 7.10 -1.51 -4.51
C HIS A 128 6.09 -2.63 -4.80
N GLU A 129 5.76 -3.43 -3.79
CA GLU A 129 4.82 -4.54 -4.00
C GLU A 129 3.49 -4.12 -4.60
N GLN A 130 2.99 -2.93 -4.26
CA GLN A 130 1.72 -2.47 -4.83
C GLN A 130 1.87 -2.48 -6.35
N GLY A 131 3.05 -2.09 -6.82
CA GLY A 131 3.30 -2.08 -8.25
C GLY A 131 3.26 -3.47 -8.83
N ALA A 132 3.79 -4.44 -8.09
CA ALA A 132 3.77 -5.82 -8.56
C ALA A 132 2.31 -6.24 -8.71
N GLY A 133 1.49 -5.85 -7.74
CA GLY A 133 0.08 -6.19 -7.79
C GLY A 133 -0.67 -5.59 -8.98
N HIS A 134 -0.49 -4.30 -9.23
CA HIS A 134 -1.19 -3.66 -10.35
C HIS A 134 -0.66 -4.15 -11.69
N MET A 135 0.62 -4.50 -11.73
CA MET A 135 1.21 -5.03 -12.96
C MET A 135 0.51 -6.35 -13.26
N ALA A 136 0.36 -7.18 -12.24
CA ALA A 136 -0.29 -8.48 -12.39
C ALA A 136 -1.73 -8.30 -12.89
N GLU A 137 -2.43 -7.27 -12.40
CA GLU A 137 -3.80 -7.02 -12.86
C GLU A 137 -3.79 -6.64 -14.34
N GLY A 138 -2.93 -5.70 -14.70
CA GLY A 138 -2.85 -5.27 -16.10
C GLY A 138 -2.49 -6.43 -17.00
N TYR A 139 -1.62 -7.29 -16.49
CA TYR A 139 -1.20 -8.46 -17.25
C TYR A 139 -2.41 -9.38 -17.46
N ALA A 140 -3.18 -9.61 -16.40
CA ALA A 140 -4.35 -10.46 -16.49
C ALA A 140 -5.43 -9.87 -17.41
N ARG A 141 -5.63 -8.56 -17.30
CA ARG A 141 -6.64 -7.89 -18.13
C ARG A 141 -6.29 -7.96 -19.62
N ALA A 142 -5.01 -7.92 -19.92
CA ALA A 142 -4.55 -7.94 -21.30
C ALA A 142 -4.41 -9.32 -21.91
N SER A 143 -4.10 -10.31 -21.08
CA SER A 143 -3.89 -11.68 -21.57
C SER A 143 -5.02 -12.66 -21.35
N GLY A 144 -5.85 -12.44 -20.34
CA GLY A 144 -6.91 -13.39 -20.07
C GLY A 144 -6.40 -14.49 -19.14
N LYS A 145 -5.13 -14.38 -18.73
CA LYS A 145 -4.51 -15.35 -17.84
C LYS A 145 -4.40 -14.72 -16.45
N PRO A 146 -4.42 -15.55 -15.39
CA PRO A 146 -4.31 -14.99 -14.04
C PRO A 146 -2.94 -14.34 -13.80
N GLY A 147 -2.94 -13.20 -13.11
CA GLY A 147 -1.69 -12.52 -12.81
C GLY A 147 -1.14 -13.15 -11.55
N VAL A 148 0.14 -13.54 -11.57
CA VAL A 148 0.76 -14.17 -10.41
C VAL A 148 1.72 -13.25 -9.68
N VAL A 149 1.50 -13.11 -8.38
CA VAL A 149 2.32 -12.25 -7.54
C VAL A 149 3.07 -13.07 -6.48
N LEU A 150 4.33 -12.72 -6.23
CA LEU A 150 5.15 -13.44 -5.25
C LEU A 150 5.88 -12.46 -4.37
N VAL A 151 5.37 -12.25 -3.16
CA VAL A 151 5.99 -11.31 -2.23
C VAL A 151 6.34 -11.94 -0.88
N THR A 152 6.99 -11.17 -0.02
CA THR A 152 7.40 -11.68 1.28
C THR A 152 6.35 -11.40 2.35
N SER A 153 6.63 -11.84 3.58
CA SER A 153 5.69 -11.65 4.67
C SER A 153 5.65 -10.21 5.18
N GLY A 154 4.81 -9.98 6.17
CA GLY A 154 4.71 -8.66 6.78
C GLY A 154 4.36 -7.52 5.84
N PRO A 155 5.27 -6.54 5.70
CA PRO A 155 5.04 -5.38 4.83
C PRO A 155 4.91 -5.77 3.36
N GLY A 156 5.53 -6.90 2.99
CA GLY A 156 5.44 -7.34 1.63
C GLY A 156 3.99 -7.67 1.30
N ALA A 157 3.34 -8.37 2.22
CA ALA A 157 1.95 -8.77 2.06
C ALA A 157 0.97 -7.61 2.23
N THR A 158 1.18 -6.79 3.25
CA THR A 158 0.27 -5.66 3.46
C THR A 158 0.32 -4.70 2.27
N ASN A 159 1.47 -4.64 1.59
CA ASN A 159 1.61 -3.76 0.43
C ASN A 159 0.82 -4.22 -0.79
N VAL A 160 0.25 -5.42 -0.76
CA VAL A 160 -0.54 -5.90 -1.91
C VAL A 160 -2.04 -5.96 -1.60
N VAL A 161 -2.44 -5.41 -0.45
CA VAL A 161 -3.86 -5.42 -0.10
C VAL A 161 -4.68 -4.58 -1.08
N THR A 162 -4.16 -3.41 -1.47
CA THR A 162 -4.88 -2.55 -2.40
C THR A 162 -5.09 -3.24 -3.75
N PRO A 163 -4.03 -3.81 -4.34
CA PRO A 163 -4.19 -4.49 -5.63
C PRO A 163 -5.20 -5.65 -5.53
N MET A 164 -5.25 -6.32 -4.38
CA MET A 164 -6.19 -7.42 -4.19
C MET A 164 -7.61 -6.88 -4.10
N ALA A 165 -7.79 -5.81 -3.32
CA ALA A 165 -9.11 -5.22 -3.18
C ALA A 165 -9.55 -4.71 -4.56
N ASP A 166 -8.59 -4.22 -5.33
CA ASP A 166 -8.89 -3.70 -6.66
C ASP A 166 -9.31 -4.81 -7.62
N ALA A 167 -8.61 -5.94 -7.57
CA ALA A 167 -8.92 -7.07 -8.43
C ALA A 167 -10.25 -7.69 -8.01
N PHE A 168 -10.54 -7.61 -6.72
CA PHE A 168 -11.76 -8.19 -6.18
C PHE A 168 -12.97 -7.38 -6.68
N ALA A 169 -12.82 -6.06 -6.70
CA ALA A 169 -13.91 -5.19 -7.15
C ALA A 169 -14.17 -5.34 -8.65
N ASP A 170 -13.12 -5.53 -9.44
CA ASP A 170 -13.26 -5.65 -10.88
C ASP A 170 -13.22 -7.06 -11.46
N GLY A 171 -13.25 -8.07 -10.59
CA GLY A 171 -13.24 -9.44 -11.05
C GLY A 171 -12.05 -9.83 -11.90
N ILE A 172 -10.85 -9.52 -11.42
CA ILE A 172 -9.63 -9.84 -12.14
C ILE A 172 -8.95 -11.09 -11.53
N PRO A 173 -8.64 -12.09 -12.37
CA PRO A 173 -7.99 -13.31 -11.87
C PRO A 173 -6.56 -13.05 -11.44
N MET A 174 -6.25 -13.38 -10.19
CA MET A 174 -4.93 -13.14 -9.67
C MET A 174 -4.64 -14.11 -8.52
N VAL A 175 -3.43 -14.68 -8.52
CA VAL A 175 -3.05 -15.58 -7.44
C VAL A 175 -1.88 -14.92 -6.72
N VAL A 176 -2.12 -14.54 -5.48
CA VAL A 176 -1.10 -13.87 -4.69
C VAL A 176 -0.43 -14.81 -3.68
N PHE A 177 0.86 -15.01 -3.85
CA PHE A 177 1.63 -15.85 -2.94
C PHE A 177 2.41 -14.95 -1.99
N THR A 178 2.12 -15.08 -0.69
CA THR A 178 2.81 -14.28 0.29
C THR A 178 3.65 -15.18 1.22
N GLY A 179 4.91 -14.78 1.42
CA GLY A 179 5.76 -15.54 2.31
C GLY A 179 5.22 -15.29 3.71
N GLN A 180 5.44 -16.23 4.61
CA GLN A 180 4.98 -16.09 6.00
C GLN A 180 6.08 -16.62 6.90
N VAL A 181 6.09 -16.17 8.15
CA VAL A 181 7.10 -16.63 9.10
C VAL A 181 6.89 -18.13 9.33
N PRO A 182 7.90 -18.82 9.91
CA PRO A 182 7.77 -20.26 10.16
C PRO A 182 6.51 -20.55 10.96
N THR A 183 5.88 -21.69 10.69
CA THR A 183 4.65 -22.07 11.39
C THR A 183 4.83 -22.05 12.90
N SER A 184 6.04 -22.35 13.37
CA SER A 184 6.30 -22.36 14.81
C SER A 184 6.40 -20.96 15.40
N ALA A 185 6.52 -19.94 14.56
CA ALA A 185 6.63 -18.57 15.05
C ALA A 185 5.30 -17.82 14.88
N ILE A 186 4.36 -18.43 14.19
CA ILE A 186 3.05 -17.80 13.97
C ILE A 186 2.29 -17.63 15.28
N GLY A 187 1.79 -16.42 15.52
CA GLY A 187 1.05 -16.15 16.73
C GLY A 187 1.92 -15.70 17.88
N THR A 188 3.17 -15.35 17.59
CA THR A 188 4.08 -14.90 18.65
C THR A 188 4.55 -13.47 18.41
N ASP A 189 3.89 -12.76 17.49
CA ASP A 189 4.28 -11.40 17.15
C ASP A 189 5.72 -11.45 16.65
N ALA A 190 5.97 -12.40 15.76
CA ALA A 190 7.29 -12.60 15.19
C ALA A 190 7.71 -11.50 14.22
N PHE A 191 9.01 -11.45 13.94
CA PHE A 191 9.57 -10.47 13.02
C PHE A 191 8.88 -10.55 11.65
N GLN A 192 8.33 -9.42 11.21
CA GLN A 192 7.63 -9.33 9.94
C GLN A 192 6.45 -10.30 9.80
N GLU A 193 5.70 -10.49 10.88
CA GLU A 193 4.55 -11.37 10.85
C GLU A 193 3.26 -10.54 10.80
N ALA A 194 2.35 -10.95 9.93
CA ALA A 194 1.07 -10.29 9.80
C ALA A 194 0.03 -11.35 9.54
N ASP A 195 -1.19 -11.14 10.03
CA ASP A 195 -2.28 -12.08 9.83
C ASP A 195 -2.84 -11.72 8.45
N VAL A 196 -2.13 -12.10 7.40
CA VAL A 196 -2.55 -11.78 6.04
C VAL A 196 -3.82 -12.51 5.61
N VAL A 197 -4.02 -13.72 6.11
CA VAL A 197 -5.22 -14.47 5.77
C VAL A 197 -6.42 -13.72 6.34
N GLY A 198 -6.24 -13.14 7.53
CA GLY A 198 -7.32 -12.39 8.16
C GLY A 198 -7.55 -11.06 7.45
N ILE A 199 -6.47 -10.35 7.18
CA ILE A 199 -6.53 -9.06 6.51
C ILE A 199 -7.16 -9.13 5.12
N SER A 200 -6.81 -10.16 4.35
CA SER A 200 -7.32 -10.30 2.99
C SER A 200 -8.60 -11.11 2.82
N ARG A 201 -9.20 -11.57 3.92
CA ARG A 201 -10.41 -12.36 3.80
C ARG A 201 -11.51 -11.68 2.99
N SER A 202 -11.77 -10.40 3.26
CA SER A 202 -12.82 -9.68 2.55
C SER A 202 -12.43 -9.19 1.15
N CYS A 203 -11.17 -9.32 0.77
CA CYS A 203 -10.77 -8.86 -0.56
C CYS A 203 -10.18 -9.94 -1.47
N THR A 204 -10.52 -11.20 -1.17
CA THR A 204 -10.09 -12.33 -1.99
C THR A 204 -11.30 -13.26 -2.10
N LYS A 205 -11.41 -14.00 -3.20
CA LYS A 205 -12.51 -14.92 -3.38
C LYS A 205 -12.29 -16.08 -2.43
N TRP A 206 -11.02 -16.28 -2.08
CA TRP A 206 -10.61 -17.36 -1.21
C TRP A 206 -9.14 -17.15 -0.86
N ASN A 207 -8.74 -17.61 0.31
CA ASN A 207 -7.34 -17.55 0.71
C ASN A 207 -7.05 -18.73 1.62
N VAL A 208 -5.79 -18.98 1.92
CA VAL A 208 -5.42 -20.11 2.75
C VAL A 208 -3.96 -20.05 3.15
N MET A 209 -3.63 -20.70 4.26
CA MET A 209 -2.24 -20.77 4.69
C MET A 209 -1.83 -22.24 4.61
N VAL A 210 -0.81 -22.52 3.82
CA VAL A 210 -0.33 -23.88 3.66
C VAL A 210 0.32 -24.30 4.97
N LYS A 211 -0.18 -25.38 5.56
CA LYS A 211 0.31 -25.88 6.84
C LYS A 211 1.48 -26.85 6.71
N SER A 212 1.57 -27.52 5.56
CA SER A 212 2.65 -28.47 5.32
C SER A 212 2.97 -28.55 3.84
N VAL A 213 4.18 -29.01 3.53
CA VAL A 213 4.62 -29.12 2.15
C VAL A 213 3.77 -30.14 1.39
N GLU A 214 3.23 -31.12 2.10
CA GLU A 214 2.38 -32.15 1.48
C GLU A 214 1.17 -31.55 0.77
N GLU A 215 0.63 -30.46 1.31
CA GLU A 215 -0.55 -29.85 0.72
C GLU A 215 -0.28 -28.66 -0.19
N LEU A 216 0.99 -28.34 -0.42
CA LEU A 216 1.34 -27.21 -1.27
C LEU A 216 0.74 -27.34 -2.67
N PRO A 217 0.91 -28.50 -3.32
CA PRO A 217 0.35 -28.66 -4.68
C PRO A 217 -1.17 -28.52 -4.71
N LEU A 218 -1.85 -29.09 -3.72
CA LEU A 218 -3.31 -29.01 -3.67
C LEU A 218 -3.77 -27.55 -3.54
N ARG A 219 -3.16 -26.80 -2.63
CA ARG A 219 -3.54 -25.41 -2.43
C ARG A 219 -3.28 -24.55 -3.65
N ILE A 220 -2.17 -24.80 -4.34
CA ILE A 220 -1.85 -24.03 -5.53
C ILE A 220 -2.91 -24.30 -6.60
N ASN A 221 -3.24 -25.57 -6.79
CA ASN A 221 -4.24 -25.93 -7.79
C ASN A 221 -5.63 -25.36 -7.48
N GLU A 222 -6.00 -25.36 -6.22
CA GLU A 222 -7.30 -24.82 -5.82
C GLU A 222 -7.31 -23.30 -6.05
N ALA A 223 -6.20 -22.65 -5.71
CA ALA A 223 -6.08 -21.20 -5.89
C ALA A 223 -6.29 -20.80 -7.35
N PHE A 224 -5.54 -21.42 -8.26
CA PHE A 224 -5.68 -21.11 -9.68
C PHE A 224 -7.07 -21.40 -10.22
N GLU A 225 -7.69 -22.47 -9.73
CA GLU A 225 -9.03 -22.83 -10.20
C GLU A 225 -10.08 -21.83 -9.72
N ILE A 226 -9.97 -21.42 -8.46
CA ILE A 226 -10.92 -20.48 -7.90
C ILE A 226 -10.76 -19.08 -8.47
N ALA A 227 -9.52 -18.69 -8.76
CA ALA A 227 -9.26 -17.37 -9.32
C ALA A 227 -9.79 -17.19 -10.73
N THR A 228 -9.76 -18.26 -11.51
CA THR A 228 -10.17 -18.20 -12.91
C THR A 228 -11.56 -18.73 -13.25
N SER A 229 -12.36 -19.11 -12.27
CA SER A 229 -13.69 -19.65 -12.54
C SER A 229 -14.80 -18.75 -11.97
N GLY A 230 -16.06 -19.05 -12.33
CA GLY A 230 -17.17 -18.21 -11.88
C GLY A 230 -16.82 -16.80 -12.30
N ARG A 231 -16.98 -15.83 -11.40
CA ARG A 231 -16.57 -14.48 -11.73
C ARG A 231 -15.09 -14.48 -11.30
N PRO A 232 -14.17 -14.23 -12.25
CA PRO A 232 -12.75 -14.23 -11.88
C PRO A 232 -12.47 -13.31 -10.70
N GLY A 233 -11.36 -13.57 -10.00
CA GLY A 233 -11.04 -12.75 -8.86
C GLY A 233 -9.70 -13.14 -8.26
N PRO A 234 -9.23 -12.38 -7.25
CA PRO A 234 -7.95 -12.66 -6.60
C PRO A 234 -8.05 -13.69 -5.48
N VAL A 235 -6.98 -14.45 -5.29
CA VAL A 235 -6.90 -15.44 -4.22
C VAL A 235 -5.52 -15.29 -3.60
N LEU A 236 -5.39 -15.64 -2.33
CA LEU A 236 -4.10 -15.51 -1.64
C LEU A 236 -3.68 -16.83 -0.99
N VAL A 237 -2.41 -17.15 -1.13
CA VAL A 237 -1.84 -18.37 -0.57
C VAL A 237 -0.66 -17.98 0.31
N ASP A 238 -0.82 -18.14 1.62
CA ASP A 238 0.21 -17.82 2.59
C ASP A 238 1.19 -18.98 2.67
N LEU A 239 2.48 -18.67 2.53
CA LEU A 239 3.51 -19.71 2.53
C LEU A 239 4.56 -19.60 3.65
N PRO A 240 4.36 -20.35 4.75
CA PRO A 240 5.30 -20.33 5.89
C PRO A 240 6.70 -20.72 5.40
N LYS A 241 7.73 -19.98 5.83
CA LYS A 241 9.09 -20.27 5.38
C LYS A 241 9.54 -21.71 5.65
N ASP A 242 9.09 -22.30 6.76
CA ASP A 242 9.47 -23.67 7.06
C ASP A 242 8.80 -24.65 6.10
N VAL A 243 7.68 -24.24 5.52
CA VAL A 243 6.98 -25.11 4.57
C VAL A 243 7.67 -25.08 3.20
N THR A 244 8.12 -23.91 2.76
CA THR A 244 8.78 -23.82 1.47
C THR A 244 10.22 -24.32 1.51
N ALA A 245 10.84 -24.27 2.69
CA ALA A 245 12.21 -24.76 2.85
C ALA A 245 12.22 -26.27 3.10
N ALA A 246 11.08 -26.79 3.57
CA ALA A 246 10.97 -28.21 3.87
C ALA A 246 11.02 -29.11 2.65
N ILE A 247 11.56 -30.30 2.85
CA ILE A 247 11.67 -31.29 1.79
C ILE A 247 10.47 -32.24 1.93
N LEU A 248 9.85 -32.60 0.82
CA LEU A 248 8.72 -33.50 0.84
C LEU A 248 9.23 -34.92 1.07
N ARG A 249 8.83 -35.53 2.18
CA ARG A 249 9.27 -36.88 2.52
C ARG A 249 8.14 -37.90 2.44
N ASN A 250 6.97 -37.48 1.98
CA ASN A 250 5.84 -38.40 1.89
C ASN A 250 5.15 -38.31 0.54
N PRO A 251 4.74 -39.46 -0.01
CA PRO A 251 4.05 -39.45 -1.31
C PRO A 251 2.71 -38.74 -1.08
N ILE A 252 2.15 -38.14 -2.12
CA ILE A 252 0.89 -37.43 -1.98
C ILE A 252 -0.07 -37.82 -3.08
N PRO A 253 -1.38 -37.65 -2.86
CA PRO A 253 -2.41 -37.99 -3.85
C PRO A 253 -2.12 -37.39 -5.21
N THR A 254 -2.27 -38.20 -6.25
CA THR A 254 -2.02 -37.77 -7.63
C THR A 254 -2.95 -36.64 -8.08
N LYS A 255 -4.18 -36.67 -7.60
CA LYS A 255 -5.15 -35.65 -7.98
C LYS A 255 -4.73 -34.25 -7.51
N THR A 256 -4.17 -34.19 -6.30
CA THR A 256 -3.75 -32.92 -5.73
C THR A 256 -2.55 -32.30 -6.45
N THR A 257 -1.97 -33.02 -7.40
CA THR A 257 -0.81 -32.49 -8.13
C THR A 257 -1.11 -32.21 -9.59
N LEU A 258 -2.37 -32.38 -9.98
CA LEU A 258 -2.78 -32.14 -11.36
C LEU A 258 -3.90 -31.10 -11.43
N PRO A 259 -3.68 -30.00 -12.18
CA PRO A 259 -4.65 -28.93 -12.33
C PRO A 259 -6.01 -29.45 -12.83
N SER A 260 -7.07 -28.70 -12.53
CA SER A 260 -8.42 -29.09 -12.96
C SER A 260 -8.78 -30.47 -12.42
N SER A 268 -25.06 -31.24 -14.05
CA SER A 268 -26.36 -31.82 -13.74
C SER A 268 -27.34 -31.62 -14.88
N ARG A 269 -27.99 -32.69 -15.31
CA ARG A 269 -28.94 -32.62 -16.41
C ARG A 269 -30.14 -31.76 -16.02
N ALA A 270 -30.53 -31.82 -14.76
CA ALA A 270 -31.66 -31.03 -14.26
C ALA A 270 -31.29 -29.55 -14.35
N GLN A 271 -30.04 -29.24 -14.01
CA GLN A 271 -29.55 -27.86 -14.04
C GLN A 271 -29.51 -27.36 -15.48
N ASP A 272 -28.94 -28.16 -16.37
CA ASP A 272 -28.86 -27.80 -17.79
C ASP A 272 -30.24 -27.51 -18.35
N GLU A 273 -31.22 -28.33 -17.99
CA GLU A 273 -32.57 -28.14 -18.48
C GLU A 273 -33.15 -26.86 -17.89
N PHE A 274 -32.74 -26.54 -16.66
CA PHE A 274 -33.22 -25.33 -16.01
C PHE A 274 -32.67 -24.09 -16.73
N VAL A 275 -31.39 -24.13 -17.07
CA VAL A 275 -30.78 -22.99 -17.76
C VAL A 275 -31.41 -22.86 -19.13
N MET A 276 -31.64 -23.99 -19.80
CA MET A 276 -32.24 -23.97 -21.12
C MET A 276 -33.65 -23.42 -21.04
N GLN A 277 -34.33 -23.69 -19.92
CA GLN A 277 -35.68 -23.19 -19.73
C GLN A 277 -35.67 -21.67 -19.59
N SER A 278 -34.69 -21.15 -18.84
CA SER A 278 -34.60 -19.71 -18.65
C SER A 278 -34.18 -19.05 -19.98
N ILE A 279 -33.38 -19.76 -20.77
CA ILE A 279 -32.94 -19.24 -22.06
C ILE A 279 -34.15 -19.12 -22.98
N ASN A 280 -35.05 -20.10 -22.94
CA ASN A 280 -36.24 -20.06 -23.77
C ASN A 280 -37.14 -18.89 -23.34
N LYS A 281 -37.24 -18.67 -22.04
CA LYS A 281 -38.05 -17.57 -21.54
C LYS A 281 -37.44 -16.23 -21.97
N ALA A 282 -36.11 -16.15 -21.93
CA ALA A 282 -35.42 -14.92 -22.31
C ALA A 282 -35.67 -14.66 -23.79
N ALA A 283 -35.62 -15.71 -24.59
CA ALA A 283 -35.85 -15.59 -26.01
C ALA A 283 -37.28 -15.10 -26.28
N ASP A 284 -38.26 -15.69 -25.60
CA ASP A 284 -39.65 -15.30 -25.80
C ASP A 284 -39.83 -13.81 -25.47
N LEU A 285 -39.20 -13.38 -24.39
CA LEU A 285 -39.31 -11.99 -23.97
C LEU A 285 -38.65 -11.05 -24.98
N ILE A 286 -37.49 -11.44 -25.49
CA ILE A 286 -36.79 -10.63 -26.49
C ILE A 286 -37.61 -10.54 -27.78
N ASN A 287 -38.21 -11.65 -28.19
CA ASN A 287 -39.01 -11.66 -29.40
C ASN A 287 -40.27 -10.79 -29.28
N LEU A 288 -40.56 -10.35 -28.08
CA LEU A 288 -41.74 -9.53 -27.81
C LEU A 288 -41.42 -8.04 -27.71
N ALA A 289 -40.15 -7.73 -27.47
CA ALA A 289 -39.70 -6.34 -27.29
C ALA A 289 -39.80 -5.42 -28.52
N LYS A 290 -40.19 -4.18 -28.28
CA LYS A 290 -40.31 -3.17 -29.33
C LYS A 290 -39.19 -2.14 -29.23
N LYS A 291 -38.69 -1.95 -28.01
CA LYS A 291 -37.61 -0.99 -27.75
C LYS A 291 -36.54 -1.62 -26.85
N PRO A 292 -35.90 -2.69 -27.33
CA PRO A 292 -34.87 -3.37 -26.54
C PRO A 292 -33.55 -2.64 -26.50
N VAL A 293 -32.76 -2.92 -25.47
CA VAL A 293 -31.44 -2.35 -25.31
C VAL A 293 -30.55 -3.38 -24.65
N LEU A 294 -29.36 -3.55 -25.20
CA LEU A 294 -28.39 -4.47 -24.62
C LEU A 294 -27.49 -3.64 -23.71
N TYR A 295 -27.44 -4.03 -22.44
CA TYR A 295 -26.62 -3.36 -21.44
C TYR A 295 -25.51 -4.37 -21.17
N VAL A 296 -24.33 -4.08 -21.74
CA VAL A 296 -23.17 -4.95 -21.70
C VAL A 296 -21.98 -4.55 -20.84
N GLY A 297 -21.45 -5.53 -20.10
CA GLY A 297 -20.32 -5.27 -19.22
C GLY A 297 -19.13 -6.22 -19.41
N ALA A 298 -18.21 -6.17 -18.45
CA ALA A 298 -16.99 -6.99 -18.47
C ALA A 298 -17.19 -8.49 -18.68
N GLY A 299 -18.34 -9.01 -18.25
CA GLY A 299 -18.61 -10.43 -18.39
C GLY A 299 -18.51 -10.96 -19.81
N ILE A 300 -18.87 -10.13 -20.80
CA ILE A 300 -18.83 -10.56 -22.19
C ILE A 300 -17.40 -10.73 -22.68
N LEU A 301 -16.46 -10.13 -21.96
CA LEU A 301 -15.05 -10.21 -22.33
C LEU A 301 -14.35 -11.41 -21.67
N ASN A 302 -15.07 -12.16 -20.85
CA ASN A 302 -14.46 -13.30 -20.19
C ASN A 302 -14.53 -14.58 -21.03
N HIS A 303 -14.81 -14.42 -22.31
CA HIS A 303 -14.86 -15.53 -23.25
C HIS A 303 -14.41 -15.00 -24.61
N ALA A 304 -13.56 -15.75 -25.29
CA ALA A 304 -13.02 -15.35 -26.59
C ALA A 304 -14.09 -15.00 -27.63
N ASP A 305 -15.21 -15.72 -27.60
CA ASP A 305 -16.29 -15.49 -28.56
C ASP A 305 -17.36 -14.50 -28.12
N GLY A 306 -17.20 -13.95 -26.92
CA GLY A 306 -18.19 -13.00 -26.41
C GLY A 306 -18.57 -11.88 -27.36
N PRO A 307 -17.61 -11.03 -27.75
CA PRO A 307 -17.90 -9.92 -28.67
C PRO A 307 -18.60 -10.37 -29.95
N ARG A 308 -18.14 -11.48 -30.51
CA ARG A 308 -18.71 -12.01 -31.74
C ARG A 308 -20.19 -12.40 -31.59
N LEU A 309 -20.51 -13.13 -30.52
CA LEU A 309 -21.90 -13.52 -30.30
C LEU A 309 -22.75 -12.32 -29.94
N LEU A 310 -22.17 -11.35 -29.25
CA LEU A 310 -22.90 -10.15 -28.89
C LEU A 310 -23.31 -9.44 -30.17
N LYS A 311 -22.36 -9.29 -31.08
CA LYS A 311 -22.64 -8.62 -32.34
C LYS A 311 -23.68 -9.39 -33.14
N GLU A 312 -23.59 -10.71 -33.13
CA GLU A 312 -24.56 -11.52 -33.87
C GLU A 312 -25.97 -11.24 -33.37
N LEU A 313 -26.15 -11.29 -32.05
CA LEU A 313 -27.46 -11.05 -31.44
C LEU A 313 -27.94 -9.63 -31.77
N SER A 314 -27.05 -8.66 -31.64
CA SER A 314 -27.40 -7.28 -31.92
C SER A 314 -27.87 -7.11 -33.36
N ASP A 315 -27.17 -7.74 -34.30
CA ASP A 315 -27.55 -7.66 -35.71
C ASP A 315 -28.84 -8.41 -36.02
N ARG A 316 -28.92 -9.63 -35.50
CA ARG A 316 -30.08 -10.50 -35.70
C ARG A 316 -31.41 -9.90 -35.22
N ALA A 317 -31.41 -9.35 -34.01
CA ALA A 317 -32.63 -8.77 -33.44
C ALA A 317 -32.67 -7.24 -33.49
N GLN A 318 -31.69 -6.64 -34.17
CA GLN A 318 -31.62 -5.18 -34.29
C GLN A 318 -31.75 -4.50 -32.94
N ILE A 319 -30.83 -4.83 -32.05
CA ILE A 319 -30.84 -4.27 -30.70
C ILE A 319 -29.64 -3.34 -30.49
N PRO A 320 -29.88 -2.08 -30.09
CA PRO A 320 -28.82 -1.10 -29.85
C PRO A 320 -28.02 -1.59 -28.65
N VAL A 321 -26.72 -1.31 -28.63
CA VAL A 321 -25.85 -1.74 -27.54
C VAL A 321 -25.12 -0.64 -26.79
N THR A 322 -25.24 -0.67 -25.46
CA THR A 322 -24.53 0.27 -24.61
C THR A 322 -23.66 -0.58 -23.69
N THR A 323 -22.46 -0.09 -23.37
CA THR A 323 -21.57 -0.83 -22.48
C THR A 323 -21.19 0.02 -21.28
N THR A 324 -20.78 -0.65 -20.21
CA THR A 324 -20.31 0.01 -19.00
C THR A 324 -18.87 0.39 -19.31
N LEU A 325 -18.21 1.02 -18.35
CA LEU A 325 -16.81 1.41 -18.50
C LEU A 325 -15.96 0.15 -18.71
N GLN A 326 -16.30 -0.92 -18.00
CA GLN A 326 -15.56 -2.18 -18.08
C GLN A 326 -15.94 -3.03 -19.27
N GLY A 327 -16.94 -2.60 -20.03
CA GLY A 327 -17.37 -3.34 -21.21
C GLY A 327 -16.89 -2.67 -22.49
N LEU A 328 -16.26 -1.51 -22.35
CA LEU A 328 -15.75 -0.78 -23.52
C LEU A 328 -14.78 -1.65 -24.30
N GLY A 329 -15.00 -1.72 -25.61
CA GLY A 329 -14.15 -2.53 -26.46
C GLY A 329 -14.80 -3.85 -26.84
N SER A 330 -15.90 -4.21 -26.17
CA SER A 330 -16.60 -5.46 -26.46
C SER A 330 -17.51 -5.27 -27.66
N PHE A 331 -17.81 -4.02 -27.96
CA PHE A 331 -18.68 -3.70 -29.09
C PHE A 331 -18.03 -2.61 -29.93
N ASP A 332 -18.04 -2.79 -31.25
CA ASP A 332 -17.45 -1.82 -32.17
C ASP A 332 -18.27 -0.53 -32.18
N GLN A 333 -17.67 0.55 -31.67
CA GLN A 333 -18.37 1.83 -31.59
C GLN A 333 -18.58 2.49 -32.96
N GLU A 334 -18.03 1.90 -34.00
CA GLU A 334 -18.20 2.42 -35.36
C GLU A 334 -19.56 1.95 -35.90
N ASP A 335 -20.09 0.90 -35.29
CA ASP A 335 -21.37 0.33 -35.70
C ASP A 335 -22.52 1.28 -35.39
N PRO A 336 -23.46 1.44 -36.32
CA PRO A 336 -24.63 2.32 -36.17
C PRO A 336 -25.43 2.01 -34.89
N LYS A 337 -25.48 0.74 -34.51
CA LYS A 337 -26.24 0.34 -33.34
C LYS A 337 -25.53 0.58 -32.00
N SER A 338 -24.36 1.21 -32.04
CA SER A 338 -23.64 1.50 -30.80
C SER A 338 -24.21 2.73 -30.10
N LEU A 339 -24.46 2.61 -28.80
CA LEU A 339 -25.00 3.70 -27.99
C LEU A 339 -23.91 4.32 -27.12
N ASP A 340 -22.72 3.71 -27.15
CA ASP A 340 -21.59 4.18 -26.37
C ASP A 340 -21.81 3.84 -24.88
N MET A 341 -21.05 4.48 -24.00
CA MET A 341 -21.15 4.20 -22.57
C MET A 341 -22.34 4.82 -21.84
N LEU A 342 -22.87 4.09 -20.86
CA LEU A 342 -24.00 4.57 -20.06
C LEU A 342 -23.50 4.90 -18.66
N GLY A 343 -24.37 5.49 -17.84
CA GLY A 343 -23.98 5.78 -16.47
C GLY A 343 -23.82 7.23 -16.05
N MET A 344 -23.19 7.40 -14.88
CA MET A 344 -22.95 8.71 -14.30
C MET A 344 -22.40 9.71 -15.31
N HIS A 345 -21.39 9.30 -16.06
CA HIS A 345 -20.78 10.15 -17.07
C HIS A 345 -20.93 9.54 -18.45
N GLY A 346 -21.98 8.75 -18.62
CA GLY A 346 -22.20 8.12 -19.89
C GLY A 346 -22.87 9.04 -20.90
N CYS A 347 -22.89 8.60 -22.14
CA CYS A 347 -23.49 9.32 -23.25
C CYS A 347 -24.98 9.51 -22.96
N ALA A 348 -25.50 10.71 -23.18
CA ALA A 348 -26.91 10.99 -22.92
C ALA A 348 -27.83 10.05 -23.69
N THR A 349 -27.41 9.68 -24.89
CA THR A 349 -28.21 8.79 -25.72
C THR A 349 -28.33 7.40 -25.12
N ALA A 350 -27.24 6.90 -24.56
CA ALA A 350 -27.24 5.58 -23.93
C ALA A 350 -28.16 5.60 -22.72
N ASN A 351 -28.05 6.65 -21.90
CA ASN A 351 -28.89 6.75 -20.72
C ASN A 351 -30.37 6.89 -21.05
N LEU A 352 -30.68 7.72 -22.06
CA LEU A 352 -32.07 7.91 -22.47
C LEU A 352 -32.65 6.61 -23.05
N ALA A 353 -31.86 5.89 -23.83
CA ALA A 353 -32.33 4.64 -24.40
C ALA A 353 -32.68 3.66 -23.29
N VAL A 354 -31.84 3.61 -22.26
CA VAL A 354 -32.06 2.72 -21.13
C VAL A 354 -33.31 3.11 -20.33
N GLN A 355 -33.56 4.41 -20.20
CA GLN A 355 -34.71 4.91 -19.46
C GLN A 355 -36.02 4.74 -20.22
N ASN A 356 -35.93 4.58 -21.54
CA ASN A 356 -37.11 4.44 -22.37
C ASN A 356 -37.31 3.06 -22.98
N ALA A 357 -36.39 2.14 -22.73
CA ALA A 357 -36.48 0.79 -23.26
C ALA A 357 -37.55 -0.03 -22.54
N ASP A 358 -38.22 -0.91 -23.28
CA ASP A 358 -39.23 -1.76 -22.66
C ASP A 358 -38.57 -3.06 -22.20
N LEU A 359 -37.37 -3.29 -22.69
CA LEU A 359 -36.62 -4.48 -22.32
C LEU A 359 -35.13 -4.20 -22.23
N ILE A 360 -34.55 -4.49 -21.08
CA ILE A 360 -33.12 -4.32 -20.88
C ILE A 360 -32.48 -5.71 -20.77
N ILE A 361 -31.56 -5.99 -21.67
CA ILE A 361 -30.86 -7.27 -21.68
C ILE A 361 -29.47 -7.04 -21.11
N ALA A 362 -29.32 -7.32 -19.83
CA ALA A 362 -28.04 -7.13 -19.14
C ALA A 362 -27.15 -8.34 -19.36
N VAL A 363 -25.99 -8.09 -19.96
CA VAL A 363 -25.04 -9.15 -20.28
C VAL A 363 -23.68 -8.89 -19.64
N GLY A 364 -23.35 -9.68 -18.61
CA GLY A 364 -22.07 -9.53 -17.93
C GLY A 364 -21.86 -8.18 -17.29
N ALA A 365 -22.89 -7.65 -16.65
CA ALA A 365 -22.83 -6.35 -15.97
C ALA A 365 -23.53 -6.48 -14.62
N ARG A 366 -23.03 -5.80 -13.60
CA ARG A 366 -23.62 -5.90 -12.26
C ARG A 366 -24.48 -4.77 -11.71
N PHE A 367 -24.93 -3.86 -12.57
CA PHE A 367 -25.79 -2.74 -12.13
C PHE A 367 -25.17 -1.97 -10.96
N ASP A 368 -23.91 -1.60 -11.05
CA ASP A 368 -23.28 -0.86 -9.95
C ASP A 368 -23.85 0.56 -9.85
N ASP A 369 -23.57 1.23 -8.74
CA ASP A 369 -24.11 2.57 -8.51
C ASP A 369 -23.58 3.70 -9.38
N ARG A 370 -22.54 3.44 -10.18
CA ARG A 370 -21.99 4.46 -11.08
C ARG A 370 -22.74 4.35 -12.41
N VAL A 371 -23.51 3.27 -12.57
CA VAL A 371 -24.24 3.01 -13.80
C VAL A 371 -25.74 3.28 -13.74
N THR A 372 -26.38 2.88 -12.65
CA THR A 372 -27.82 3.00 -12.50
C THR A 372 -28.42 4.36 -12.18
N GLY A 373 -27.61 5.26 -11.62
CA GLY A 373 -28.16 6.54 -11.22
C GLY A 373 -29.08 6.20 -10.06
N ASN A 374 -30.03 7.08 -9.72
CA ASN A 374 -30.96 6.81 -8.63
C ASN A 374 -31.72 5.52 -8.98
N ILE A 375 -31.48 4.46 -8.22
CA ILE A 375 -32.11 3.17 -8.48
C ILE A 375 -33.64 3.17 -8.59
N SER A 376 -34.31 4.01 -7.80
CA SER A 376 -35.77 4.04 -7.85
C SER A 376 -36.27 4.68 -9.14
N LYS A 377 -35.38 5.37 -9.84
CA LYS A 377 -35.75 6.03 -11.09
C LYS A 377 -35.18 5.28 -12.30
N PHE A 378 -34.44 4.22 -12.03
CA PHE A 378 -33.82 3.41 -13.08
C PHE A 378 -34.78 2.61 -13.94
N ALA A 379 -34.58 2.71 -15.26
CA ALA A 379 -35.38 1.99 -16.25
C ALA A 379 -36.89 1.96 -15.98
N PRO A 380 -37.54 3.13 -15.98
CA PRO A 380 -38.99 3.18 -15.74
C PRO A 380 -39.83 2.43 -16.77
N GLU A 381 -39.47 2.52 -18.05
CA GLU A 381 -40.22 1.84 -19.09
C GLU A 381 -40.11 0.32 -19.04
N ALA A 382 -38.95 -0.18 -18.60
CA ALA A 382 -38.77 -1.62 -18.50
C ALA A 382 -39.60 -2.10 -17.31
N ARG A 383 -39.64 -1.29 -16.26
CA ARG A 383 -40.41 -1.62 -15.07
C ARG A 383 -41.89 -1.65 -15.43
N ARG A 384 -42.33 -0.67 -16.21
CA ARG A 384 -43.72 -0.61 -16.63
C ARG A 384 -44.06 -1.81 -17.51
N ALA A 385 -43.15 -2.18 -18.41
CA ALA A 385 -43.37 -3.33 -19.29
C ALA A 385 -43.45 -4.64 -18.50
N ALA A 386 -42.64 -4.73 -17.44
CA ALA A 386 -42.64 -5.92 -16.61
C ALA A 386 -44.00 -6.06 -15.91
N ALA A 387 -44.53 -4.95 -15.42
CA ALA A 387 -45.82 -4.94 -14.74
C ALA A 387 -46.92 -5.39 -15.70
N GLU A 388 -46.71 -5.17 -17.00
CA GLU A 388 -47.68 -5.54 -18.01
C GLU A 388 -47.27 -6.83 -18.72
N GLY A 389 -46.32 -7.55 -18.13
CA GLY A 389 -45.86 -8.80 -18.71
C GLY A 389 -45.41 -8.76 -20.16
N ARG A 390 -44.89 -7.61 -20.59
CA ARG A 390 -44.42 -7.48 -21.97
C ARG A 390 -42.96 -7.01 -22.06
N GLY A 391 -42.22 -7.16 -20.97
CA GLY A 391 -40.83 -6.74 -20.98
C GLY A 391 -40.18 -6.78 -19.60
N GLY A 392 -39.21 -5.90 -19.38
CA GLY A 392 -38.54 -5.86 -18.10
C GLY A 392 -37.04 -5.99 -18.23
N ILE A 393 -36.43 -6.84 -17.41
CA ILE A 393 -34.99 -7.03 -17.42
C ILE A 393 -34.55 -8.50 -17.46
N ILE A 394 -33.65 -8.81 -18.38
CA ILE A 394 -33.08 -10.15 -18.50
C ILE A 394 -31.63 -10.02 -18.05
N HIS A 395 -31.14 -10.97 -17.26
CA HIS A 395 -29.78 -10.88 -16.75
C HIS A 395 -28.93 -12.13 -16.95
N PHE A 396 -27.92 -12.04 -17.81
CA PHE A 396 -27.00 -13.15 -18.05
C PHE A 396 -25.87 -12.92 -17.03
N GLU A 397 -25.94 -13.64 -15.91
CA GLU A 397 -24.97 -13.50 -14.83
C GLU A 397 -24.38 -14.85 -14.40
N VAL A 398 -23.07 -14.87 -14.18
CA VAL A 398 -22.37 -16.08 -13.81
C VAL A 398 -22.31 -16.32 -12.30
N SER A 399 -22.52 -15.27 -11.52
CA SER A 399 -22.47 -15.40 -10.07
C SER A 399 -23.79 -15.12 -9.36
N PRO A 400 -24.28 -16.10 -8.58
CA PRO A 400 -25.53 -16.00 -7.84
C PRO A 400 -25.57 -14.79 -6.91
N LYS A 401 -24.39 -14.35 -6.46
CA LYS A 401 -24.30 -13.20 -5.57
C LYS A 401 -24.83 -11.93 -6.24
N ASN A 402 -24.66 -11.84 -7.56
CA ASN A 402 -25.10 -10.65 -8.28
C ASN A 402 -26.44 -10.76 -8.99
N ILE A 403 -27.17 -11.83 -8.70
CA ILE A 403 -28.48 -12.01 -9.31
C ILE A 403 -29.52 -11.42 -8.37
N ASN A 404 -30.29 -10.45 -8.87
CA ASN A 404 -31.33 -9.78 -8.09
C ASN A 404 -30.79 -9.12 -6.81
N LYS A 405 -29.58 -8.59 -6.90
CA LYS A 405 -28.97 -7.92 -5.76
C LYS A 405 -29.29 -6.42 -5.75
N VAL A 406 -29.50 -5.83 -6.92
CA VAL A 406 -29.79 -4.41 -7.01
C VAL A 406 -31.21 -4.10 -7.45
N VAL A 407 -31.68 -4.80 -8.47
CA VAL A 407 -33.04 -4.60 -8.95
C VAL A 407 -33.65 -5.95 -9.22
N GLN A 408 -34.97 -6.01 -9.19
CA GLN A 408 -35.68 -7.25 -9.44
C GLN A 408 -35.61 -7.48 -10.94
N THR A 409 -35.17 -8.66 -11.35
CA THR A 409 -35.09 -8.99 -12.77
C THR A 409 -36.17 -10.01 -13.07
N GLN A 410 -36.67 -10.02 -14.30
CA GLN A 410 -37.72 -10.95 -14.67
C GLN A 410 -37.18 -12.32 -15.02
N ILE A 411 -36.02 -12.35 -15.66
CA ILE A 411 -35.41 -13.61 -16.05
C ILE A 411 -33.90 -13.55 -15.83
N ALA A 412 -33.37 -14.51 -15.10
CA ALA A 412 -31.95 -14.59 -14.85
C ALA A 412 -31.41 -15.85 -15.51
N VAL A 413 -30.49 -15.67 -16.45
CA VAL A 413 -29.89 -16.80 -17.13
C VAL A 413 -28.50 -17.01 -16.50
N GLU A 414 -28.39 -18.04 -15.68
CA GLU A 414 -27.16 -18.33 -14.95
C GLU A 414 -26.04 -18.95 -15.78
N GLY A 415 -24.80 -18.60 -15.45
CA GLY A 415 -23.65 -19.15 -16.15
C GLY A 415 -22.92 -18.16 -17.02
N ASP A 416 -22.02 -18.69 -17.85
CA ASP A 416 -21.23 -17.87 -18.77
C ASP A 416 -22.17 -17.23 -19.78
N ALA A 417 -22.11 -15.91 -19.91
CA ALA A 417 -22.97 -15.17 -20.82
C ALA A 417 -22.80 -15.56 -22.28
N THR A 418 -21.55 -15.58 -22.74
CA THR A 418 -21.25 -15.92 -24.12
C THR A 418 -21.84 -17.27 -24.50
N THR A 419 -21.57 -18.27 -23.66
CA THR A 419 -22.07 -19.63 -23.88
C THR A 419 -23.59 -19.62 -23.99
N ASN A 420 -24.24 -18.90 -23.07
CA ASN A 420 -25.69 -18.84 -23.08
C ASN A 420 -26.26 -18.05 -24.25
N LEU A 421 -25.51 -17.07 -24.75
CA LEU A 421 -25.99 -16.30 -25.90
C LEU A 421 -25.95 -17.24 -27.11
N GLY A 422 -24.95 -18.10 -27.14
CA GLY A 422 -24.83 -19.04 -28.24
C GLY A 422 -25.98 -20.04 -28.29
N LYS A 423 -26.42 -20.49 -27.12
CA LYS A 423 -27.52 -21.43 -27.04
C LYS A 423 -28.86 -20.79 -27.39
N MET A 424 -29.01 -19.51 -27.04
CA MET A 424 -30.24 -18.80 -27.30
C MET A 424 -30.44 -18.32 -28.74
N MET A 425 -29.34 -18.00 -29.41
CA MET A 425 -29.39 -17.47 -30.77
C MET A 425 -30.46 -18.03 -31.72
N SER A 426 -30.50 -19.35 -31.88
CA SER A 426 -31.47 -19.97 -32.79
C SER A 426 -32.93 -19.76 -32.39
N LYS A 427 -33.17 -19.33 -31.16
CA LYS A 427 -34.53 -19.11 -30.70
C LYS A 427 -34.98 -17.66 -30.89
N ILE A 428 -34.04 -16.79 -31.27
CA ILE A 428 -34.33 -15.37 -31.48
C ILE A 428 -34.85 -15.14 -32.90
N PHE A 429 -36.03 -14.55 -33.03
CA PHE A 429 -36.59 -14.28 -34.36
C PHE A 429 -35.85 -13.14 -35.02
N PRO A 430 -35.39 -13.33 -36.26
CA PRO A 430 -34.68 -12.27 -36.98
C PRO A 430 -35.62 -11.07 -37.13
N VAL A 431 -35.08 -9.88 -36.90
CA VAL A 431 -35.88 -8.67 -37.02
C VAL A 431 -35.44 -7.89 -38.24
N LYS A 432 -36.42 -7.44 -39.04
CA LYS A 432 -36.12 -6.69 -40.24
C LYS A 432 -35.64 -5.28 -39.92
N GLU A 433 -36.35 -4.60 -39.03
CA GLU A 433 -35.98 -3.22 -38.66
C GLU A 433 -36.75 -2.70 -37.47
N ARG A 434 -36.24 -1.62 -36.89
CA ARG A 434 -36.87 -0.96 -35.74
C ARG A 434 -36.77 0.54 -36.04
N SER A 435 -37.44 0.95 -37.11
CA SER A 435 -37.45 2.34 -37.56
C SER A 435 -37.80 3.38 -36.51
N GLU A 436 -38.88 3.18 -35.79
CA GLU A 436 -39.27 4.13 -34.75
C GLU A 436 -38.20 4.25 -33.66
N TRP A 437 -37.83 3.12 -33.09
CA TRP A 437 -36.83 3.07 -32.01
C TRP A 437 -35.51 3.70 -32.48
N PHE A 438 -35.02 3.26 -33.63
CA PHE A 438 -33.77 3.80 -34.17
C PHE A 438 -33.87 5.29 -34.49
N ALA A 439 -35.04 5.73 -34.95
CA ALA A 439 -35.23 7.14 -35.28
C ALA A 439 -35.12 7.96 -34.00
N GLN A 440 -35.82 7.51 -32.96
CA GLN A 440 -35.78 8.20 -31.68
C GLN A 440 -34.34 8.25 -31.17
N ILE A 441 -33.65 7.12 -31.23
CA ILE A 441 -32.27 7.06 -30.78
C ILE A 441 -31.40 8.01 -31.60
N ASN A 442 -31.66 8.10 -32.91
CA ASN A 442 -30.86 8.98 -33.75
C ASN A 442 -31.10 10.47 -33.47
N LYS A 443 -32.30 10.82 -33.01
CA LYS A 443 -32.58 12.21 -32.69
C LYS A 443 -31.77 12.58 -31.46
N TRP A 444 -31.67 11.65 -30.52
CA TRP A 444 -30.89 11.87 -29.31
C TRP A 444 -29.41 12.02 -29.62
N LYS A 445 -28.91 11.23 -30.57
CA LYS A 445 -27.49 11.28 -30.92
C LYS A 445 -27.09 12.65 -31.48
N LYS A 446 -27.96 13.24 -32.29
CA LYS A 446 -27.67 14.56 -32.87
C LYS A 446 -27.82 15.64 -31.82
N GLU A 447 -28.75 15.42 -30.89
CA GLU A 447 -29.02 16.37 -29.83
C GLU A 447 -28.03 16.35 -28.67
N TYR A 448 -27.54 15.18 -28.30
CA TYR A 448 -26.62 15.08 -27.18
C TYR A 448 -25.23 14.48 -27.37
N PRO A 449 -24.40 15.11 -28.19
CA PRO A 449 -23.05 14.57 -28.40
C PRO A 449 -22.20 14.90 -27.16
N TYR A 450 -21.00 14.34 -27.06
CA TYR A 450 -20.11 14.61 -25.93
C TYR A 450 -19.49 16.01 -26.09
N ALA A 451 -20.31 17.05 -26.07
CA ALA A 451 -19.82 18.42 -26.24
C ALA A 451 -18.98 18.95 -25.09
N TYR A 452 -18.07 19.85 -25.41
CA TYR A 452 -17.20 20.46 -24.41
C TYR A 452 -16.63 21.77 -24.96
N MET A 453 -16.01 22.56 -24.09
CA MET A 453 -15.43 23.82 -24.49
C MET A 453 -14.11 23.55 -25.22
N GLU A 454 -14.14 23.70 -26.53
CA GLU A 454 -12.97 23.46 -27.35
C GLU A 454 -11.95 24.60 -27.26
N GLU A 455 -10.76 24.36 -27.82
CA GLU A 455 -9.70 25.34 -27.80
C GLU A 455 -10.09 26.67 -28.44
N THR A 456 -9.56 27.75 -27.89
CA THR A 456 -9.79 29.10 -28.40
C THR A 456 -8.42 29.76 -28.46
N PRO A 457 -8.27 30.83 -29.26
CA PRO A 457 -6.98 31.52 -29.38
C PRO A 457 -6.31 31.81 -28.03
N GLY A 458 -5.06 31.37 -27.88
CA GLY A 458 -4.33 31.60 -26.66
C GLY A 458 -4.69 30.74 -25.45
N SER A 459 -5.77 29.96 -25.55
CA SER A 459 -6.18 29.13 -24.42
C SER A 459 -5.29 27.90 -24.25
N LYS A 460 -5.37 27.28 -23.09
CA LYS A 460 -4.58 26.08 -22.85
C LYS A 460 -5.23 24.93 -23.62
N ILE A 461 -4.46 23.88 -23.86
CA ILE A 461 -4.97 22.71 -24.56
C ILE A 461 -6.11 22.10 -23.75
N LYS A 462 -7.11 21.56 -24.42
CA LYS A 462 -8.24 20.94 -23.71
C LYS A 462 -8.00 19.45 -23.57
N PRO A 463 -8.25 18.89 -22.37
CA PRO A 463 -8.03 17.46 -22.15
C PRO A 463 -8.81 16.54 -23.09
N GLN A 464 -10.07 16.89 -23.36
CA GLN A 464 -10.91 16.08 -24.25
C GLN A 464 -10.33 16.06 -25.66
N THR A 465 -9.76 17.19 -26.08
CA THR A 465 -9.16 17.30 -27.40
C THR A 465 -7.95 16.39 -27.54
N VAL A 466 -7.18 16.25 -26.45
CA VAL A 466 -6.01 15.40 -26.47
C VAL A 466 -6.41 13.93 -26.72
N ILE A 467 -7.45 13.48 -26.03
CA ILE A 467 -7.93 12.12 -26.17
C ILE A 467 -8.37 11.85 -27.59
N LYS A 468 -9.17 12.76 -28.15
CA LYS A 468 -9.67 12.59 -29.51
C LYS A 468 -8.53 12.49 -30.51
N LYS A 469 -7.53 13.37 -30.36
CA LYS A 469 -6.40 13.36 -31.27
C LYS A 469 -5.55 12.11 -31.11
N LEU A 470 -5.25 11.75 -29.86
CA LEU A 470 -4.43 10.57 -29.59
C LEU A 470 -5.10 9.30 -30.11
N SER A 471 -6.41 9.21 -29.91
CA SER A 471 -7.16 8.05 -30.37
C SER A 471 -6.93 7.84 -31.86
N LYS A 472 -6.99 8.94 -32.61
CA LYS A 472 -6.79 8.92 -34.06
C LYS A 472 -5.36 8.51 -34.39
N VAL A 473 -4.39 9.21 -33.81
CA VAL A 473 -2.99 8.92 -34.06
C VAL A 473 -2.65 7.47 -33.73
N ALA A 474 -3.09 7.01 -32.56
CA ALA A 474 -2.83 5.64 -32.14
C ALA A 474 -3.46 4.62 -33.09
N ASN A 475 -4.74 4.78 -33.37
CA ASN A 475 -5.44 3.85 -34.26
C ASN A 475 -4.81 3.81 -35.65
N ASP A 476 -4.38 4.97 -36.16
CA ASP A 476 -3.79 5.02 -37.49
C ASP A 476 -2.49 4.26 -37.67
N THR A 477 -1.81 3.94 -36.57
CA THR A 477 -0.55 3.21 -36.67
C THR A 477 -0.81 1.81 -37.24
N GLY A 478 -2.03 1.31 -37.05
CA GLY A 478 -2.36 -0.02 -37.53
C GLY A 478 -1.96 -1.10 -36.55
N ARG A 479 -1.32 -0.71 -35.45
CA ARG A 479 -0.90 -1.66 -34.42
C ARG A 479 -2.02 -1.98 -33.44
N HIS A 480 -1.82 -3.01 -32.63
CA HIS A 480 -2.80 -3.39 -31.62
C HIS A 480 -2.55 -2.40 -30.48
N VAL A 481 -3.60 -1.70 -30.08
CA VAL A 481 -3.50 -0.68 -29.05
C VAL A 481 -4.19 -1.03 -27.74
N ILE A 482 -3.47 -0.82 -26.63
CA ILE A 482 -4.02 -1.07 -25.31
C ILE A 482 -3.89 0.20 -24.50
N VAL A 483 -4.99 0.60 -23.85
CA VAL A 483 -5.01 1.79 -23.04
C VAL A 483 -5.30 1.50 -21.57
N THR A 484 -4.45 2.04 -20.70
CA THR A 484 -4.64 1.90 -19.26
C THR A 484 -4.83 3.35 -18.81
N THR A 485 -5.29 3.54 -17.57
CA THR A 485 -5.49 4.90 -17.08
C THR A 485 -5.35 4.95 -15.56
N GLY A 486 -5.36 6.16 -15.04
CA GLY A 486 -5.34 6.37 -13.61
C GLY A 486 -6.81 6.55 -13.28
N VAL A 487 -7.11 7.22 -12.18
CA VAL A 487 -8.49 7.43 -11.78
C VAL A 487 -8.82 8.90 -11.70
N GLY A 488 -9.93 9.29 -12.32
CA GLY A 488 -10.32 10.69 -12.31
C GLY A 488 -10.89 11.14 -13.64
N GLN A 489 -10.84 12.45 -13.89
CA GLN A 489 -11.38 13.03 -15.10
C GLN A 489 -10.72 12.53 -16.38
N HIS A 490 -9.39 12.43 -16.39
CA HIS A 490 -8.69 11.94 -17.57
C HIS A 490 -9.21 10.55 -17.92
N GLN A 491 -9.55 9.78 -16.89
CA GLN A 491 -10.07 8.43 -17.06
C GLN A 491 -11.42 8.44 -17.76
N MET A 492 -12.32 9.30 -17.30
CA MET A 492 -13.64 9.44 -17.90
C MET A 492 -13.54 9.97 -19.33
N TRP A 493 -12.66 10.94 -19.54
CA TRP A 493 -12.51 11.51 -20.88
C TRP A 493 -11.90 10.49 -21.84
N ALA A 494 -11.02 9.64 -21.33
CA ALA A 494 -10.43 8.60 -22.16
C ALA A 494 -11.55 7.64 -22.57
N ALA A 495 -12.42 7.34 -21.61
CA ALA A 495 -13.54 6.44 -21.85
C ALA A 495 -14.52 7.00 -22.87
N GLN A 496 -14.87 8.28 -22.72
CA GLN A 496 -15.84 8.93 -23.61
C GLN A 496 -15.34 9.24 -25.02
N HIS A 497 -14.17 9.87 -25.11
CA HIS A 497 -13.63 10.32 -26.39
C HIS A 497 -12.75 9.39 -27.21
N TRP A 498 -12.37 8.25 -26.66
CA TRP A 498 -11.58 7.32 -27.44
C TRP A 498 -12.61 6.54 -28.25
N THR A 499 -12.21 6.00 -29.40
CA THR A 499 -13.15 5.22 -30.20
C THR A 499 -12.81 3.76 -29.97
N TRP A 500 -13.62 3.09 -29.16
CA TRP A 500 -13.41 1.69 -28.81
C TRP A 500 -13.90 0.72 -29.88
N ARG A 501 -13.04 -0.22 -30.26
CA ARG A 501 -13.38 -1.19 -31.29
C ARG A 501 -12.87 -2.61 -31.03
N ASN A 502 -11.88 -2.75 -30.16
CA ASN A 502 -11.29 -4.05 -29.91
C ASN A 502 -11.39 -4.59 -28.48
N PRO A 503 -11.61 -5.90 -28.33
CA PRO A 503 -11.72 -6.56 -27.03
C PRO A 503 -10.42 -6.55 -26.25
N HIS A 504 -10.51 -6.27 -24.95
CA HIS A 504 -9.34 -6.26 -24.09
C HIS A 504 -8.32 -5.15 -24.40
N THR A 505 -8.82 -3.97 -24.76
CA THR A 505 -7.93 -2.87 -25.07
C THR A 505 -8.08 -1.70 -24.09
N PHE A 506 -9.01 -1.82 -23.14
CA PHE A 506 -9.19 -0.77 -22.14
C PHE A 506 -9.02 -1.39 -20.77
N ILE A 507 -7.94 -1.02 -20.09
CA ILE A 507 -7.62 -1.55 -18.77
C ILE A 507 -7.65 -0.41 -17.75
N THR A 508 -8.73 -0.36 -16.98
CA THR A 508 -8.92 0.70 -16.02
C THR A 508 -9.52 0.19 -14.71
N SER A 509 -9.24 0.92 -13.62
CA SER A 509 -9.75 0.56 -12.31
C SER A 509 -11.13 1.20 -12.12
N GLY A 510 -12.17 0.36 -12.11
CA GLY A 510 -13.52 0.90 -11.99
C GLY A 510 -14.23 0.80 -10.66
N GLY A 511 -14.25 -0.41 -10.09
CA GLY A 511 -14.95 -0.62 -8.84
C GLY A 511 -14.34 0.04 -7.63
N LEU A 512 -13.05 -0.16 -7.43
CA LEU A 512 -12.36 0.43 -6.29
C LEU A 512 -11.84 1.82 -6.66
N GLY A 513 -11.55 2.02 -7.94
CA GLY A 513 -11.05 3.31 -8.41
C GLY A 513 -9.72 3.69 -7.77
N THR A 514 -8.71 2.87 -8.00
CA THR A 514 -7.39 3.09 -7.43
C THR A 514 -6.45 4.01 -8.22
N MET A 515 -6.22 5.21 -7.70
CA MET A 515 -5.30 6.15 -8.35
C MET A 515 -3.92 5.49 -8.29
N GLY A 516 -3.15 5.59 -9.38
CA GLY A 516 -1.83 5.00 -9.41
C GLY A 516 -1.80 3.71 -10.22
N TYR A 517 -2.98 3.25 -10.61
CA TYR A 517 -3.14 2.03 -11.39
C TYR A 517 -2.49 2.12 -12.78
N GLY A 518 -2.62 3.29 -13.40
CA GLY A 518 -2.11 3.52 -14.74
C GLY A 518 -0.77 2.97 -15.19
N LEU A 519 0.30 3.44 -14.55
CA LEU A 519 1.65 3.02 -14.93
C LEU A 519 1.93 1.53 -14.76
N PRO A 520 1.76 1.01 -13.53
CA PRO A 520 2.03 -0.42 -13.33
C PRO A 520 1.14 -1.33 -14.19
N ALA A 521 -0.14 -0.97 -14.34
CA ALA A 521 -1.03 -1.78 -15.17
C ALA A 521 -0.51 -1.81 -16.62
N ALA A 522 0.00 -0.68 -17.10
CA ALA A 522 0.52 -0.60 -18.46
C ALA A 522 1.74 -1.50 -18.61
N ILE A 523 2.59 -1.51 -17.59
CA ILE A 523 3.80 -2.33 -17.61
C ILE A 523 3.40 -3.81 -17.69
N GLY A 524 2.44 -4.20 -16.86
CA GLY A 524 1.99 -5.58 -16.88
C GLY A 524 1.33 -5.93 -18.21
N ALA A 525 0.54 -5.01 -18.75
CA ALA A 525 -0.13 -5.22 -20.03
C ALA A 525 0.88 -5.38 -21.16
N GLN A 526 1.97 -4.62 -21.10
CA GLN A 526 3.00 -4.70 -22.13
C GLN A 526 3.73 -6.03 -22.05
N VAL A 527 3.90 -6.56 -20.84
CA VAL A 527 4.56 -7.85 -20.66
C VAL A 527 3.66 -8.92 -21.29
N ALA A 528 2.36 -8.79 -21.08
CA ALA A 528 1.41 -9.74 -21.63
C ALA A 528 1.39 -9.69 -23.17
N LYS A 529 1.42 -8.48 -23.72
CA LYS A 529 1.39 -8.26 -25.16
C LYS A 529 2.59 -7.41 -25.58
N PRO A 530 3.77 -8.05 -25.73
CA PRO A 530 5.00 -7.35 -26.12
C PRO A 530 4.97 -6.55 -27.42
N GLU A 531 4.10 -6.94 -28.35
CA GLU A 531 3.99 -6.25 -29.63
C GLU A 531 2.97 -5.12 -29.69
N SER A 532 2.16 -4.98 -28.65
CA SER A 532 1.13 -3.95 -28.62
C SER A 532 1.65 -2.56 -28.26
N LEU A 533 0.96 -1.53 -28.74
CA LEU A 533 1.29 -0.16 -28.41
C LEU A 533 0.48 0.04 -27.13
N VAL A 534 1.17 0.17 -26.00
CA VAL A 534 0.50 0.32 -24.72
C VAL A 534 0.61 1.76 -24.22
N ILE A 535 -0.55 2.38 -24.07
CA ILE A 535 -0.62 3.77 -23.64
C ILE A 535 -1.31 3.96 -22.30
N ASP A 536 -0.63 4.63 -21.39
CA ASP A 536 -1.20 4.94 -20.09
C ASP A 536 -1.66 6.40 -20.12
N ILE A 537 -2.98 6.60 -20.15
CA ILE A 537 -3.56 7.94 -20.14
C ILE A 537 -3.77 8.21 -18.64
N ASP A 538 -2.83 8.94 -18.06
CA ASP A 538 -2.83 9.24 -16.64
C ASP A 538 -3.16 10.67 -16.23
N GLY A 539 -3.41 10.84 -14.93
CA GLY A 539 -3.68 12.14 -14.36
C GLY A 539 -2.44 12.49 -13.56
N ASP A 540 -2.21 13.77 -13.26
CA ASP A 540 -1.02 14.14 -12.51
C ASP A 540 -1.01 13.59 -11.09
N ALA A 541 -2.14 13.67 -10.40
CA ALA A 541 -2.21 13.17 -9.02
C ALA A 541 -2.11 11.63 -8.99
N SER A 542 -2.78 10.98 -9.93
CA SER A 542 -2.74 9.51 -10.00
C SER A 542 -1.31 9.06 -10.28
N PHE A 543 -0.65 9.71 -11.23
CA PHE A 543 0.71 9.36 -11.59
C PHE A 543 1.67 9.46 -10.40
N ASN A 544 1.50 10.49 -9.56
CA ASN A 544 2.36 10.65 -8.40
C ASN A 544 2.30 9.46 -7.43
N MET A 545 1.14 8.81 -7.34
CA MET A 545 1.00 7.68 -6.43
C MET A 545 2.04 6.56 -6.65
N THR A 546 2.29 6.22 -7.91
CA THR A 546 3.19 5.13 -8.21
C THR A 546 4.30 5.43 -9.23
N LEU A 547 4.67 6.70 -9.36
CA LEU A 547 5.69 7.07 -10.34
C LEU A 547 7.03 6.36 -10.16
N THR A 548 7.29 5.77 -9.00
CA THR A 548 8.55 5.08 -8.82
C THR A 548 8.70 3.88 -9.76
N GLU A 549 7.59 3.39 -10.29
CA GLU A 549 7.63 2.24 -11.19
C GLU A 549 8.17 2.56 -12.59
N LEU A 550 8.52 3.83 -12.84
CA LEU A 550 9.07 4.21 -14.14
C LEU A 550 10.36 3.46 -14.40
N SER A 551 11.19 3.35 -13.37
CA SER A 551 12.46 2.64 -13.50
C SER A 551 12.20 1.15 -13.73
N SER A 552 11.06 0.66 -13.23
CA SER A 552 10.70 -0.74 -13.42
C SER A 552 10.40 -1.01 -14.89
N ALA A 553 9.82 -0.03 -15.56
CA ALA A 553 9.48 -0.16 -16.98
C ALA A 553 10.77 -0.30 -17.78
N VAL A 554 11.77 0.49 -17.42
CA VAL A 554 13.06 0.44 -18.10
C VAL A 554 13.73 -0.91 -17.85
N GLN A 555 13.78 -1.32 -16.59
CA GLN A 555 14.39 -2.60 -16.25
C GLN A 555 13.65 -3.78 -16.89
N ALA A 556 12.33 -3.69 -17.00
CA ALA A 556 11.53 -4.77 -17.59
C ALA A 556 11.54 -4.76 -19.12
N GLY A 557 12.01 -3.67 -19.72
CA GLY A 557 12.03 -3.59 -21.17
C GLY A 557 10.66 -3.37 -21.79
N THR A 558 9.78 -2.71 -21.05
CA THR A 558 8.42 -2.45 -21.54
C THR A 558 8.35 -1.01 -22.07
N PRO A 559 8.33 -0.85 -23.41
CA PRO A 559 8.26 0.48 -24.04
C PRO A 559 6.91 1.18 -23.94
N VAL A 560 6.40 1.30 -22.72
CA VAL A 560 5.12 1.94 -22.47
C VAL A 560 5.12 3.44 -22.80
N LYS A 561 3.97 3.95 -23.22
CA LYS A 561 3.83 5.37 -23.53
C LYS A 561 2.98 6.01 -22.43
N ILE A 562 3.62 6.77 -21.56
CA ILE A 562 2.92 7.43 -20.46
C ILE A 562 2.44 8.82 -20.84
N LEU A 563 1.13 9.02 -20.82
CA LEU A 563 0.56 10.32 -21.14
C LEU A 563 0.02 10.93 -19.85
N ILE A 564 0.48 12.12 -19.52
CA ILE A 564 0.00 12.80 -18.33
C ILE A 564 -0.81 14.04 -18.69
N LEU A 565 -2.10 14.00 -18.43
CA LEU A 565 -2.95 15.15 -18.69
C LEU A 565 -2.84 15.95 -17.41
N ASN A 566 -1.85 16.83 -17.38
CA ASN A 566 -1.57 17.64 -16.20
C ASN A 566 -2.41 18.90 -16.03
N ASN A 567 -3.36 18.86 -15.10
CA ASN A 567 -4.20 20.00 -14.81
C ASN A 567 -3.82 20.52 -13.43
N GLU A 568 -2.70 20.02 -12.91
CA GLU A 568 -2.19 20.41 -11.60
C GLU A 568 -3.27 20.43 -10.53
N GLU A 569 -4.08 19.38 -10.51
CA GLU A 569 -5.15 19.27 -9.55
C GLU A 569 -5.67 17.84 -9.51
N GLN A 570 -6.43 17.55 -8.47
CA GLN A 570 -7.06 16.26 -8.31
C GLN A 570 -8.45 16.58 -8.90
N GLY A 571 -8.47 16.71 -10.22
CA GLY A 571 -9.67 17.07 -10.97
C GLY A 571 -11.00 16.46 -10.59
N MET A 572 -11.03 15.14 -10.43
CA MET A 572 -12.27 14.46 -10.07
C MET A 572 -12.83 15.03 -8.78
N VAL A 573 -11.95 15.22 -7.80
CA VAL A 573 -12.37 15.75 -6.51
C VAL A 573 -12.71 17.24 -6.58
N THR A 574 -11.93 18.04 -7.32
CA THR A 574 -12.25 19.46 -7.41
C THR A 574 -13.58 19.65 -8.12
N GLN A 575 -13.92 18.74 -9.02
CA GLN A 575 -15.21 18.85 -9.72
C GLN A 575 -16.34 18.68 -8.72
N TRP A 576 -16.22 17.68 -7.85
CA TRP A 576 -17.26 17.45 -6.85
C TRP A 576 -17.27 18.60 -5.85
N GLN A 577 -16.10 19.17 -5.57
CA GLN A 577 -16.03 20.28 -4.65
C GLN A 577 -16.67 21.52 -5.27
N SER A 578 -16.52 21.67 -6.58
CA SER A 578 -17.12 22.80 -7.29
C SER A 578 -18.64 22.67 -7.28
N LEU A 579 -19.11 21.46 -7.52
CA LEU A 579 -20.54 21.18 -7.59
C LEU A 579 -21.31 21.12 -6.26
N PHE A 580 -20.76 20.40 -5.29
CA PHE A 580 -21.45 20.23 -4.02
C PHE A 580 -20.90 20.99 -2.81
N TYR A 581 -19.73 21.60 -2.94
CA TYR A 581 -19.15 22.33 -1.81
C TYR A 581 -18.78 23.77 -2.13
N GLU A 582 -19.62 24.40 -2.93
CA GLU A 582 -19.47 25.80 -3.31
C GLU A 582 -18.06 26.24 -3.61
N HIS A 583 -17.35 25.45 -4.41
CA HIS A 583 -15.99 25.74 -4.82
C HIS A 583 -14.91 25.82 -3.73
N ARG A 584 -15.10 25.07 -2.65
CA ARG A 584 -14.11 25.05 -1.58
C ARG A 584 -13.16 23.89 -1.84
N TYR A 585 -12.00 24.19 -2.38
CA TYR A 585 -11.00 23.18 -2.69
C TYR A 585 -10.11 22.86 -1.50
N SER A 586 -10.54 21.88 -0.73
CA SER A 586 -9.83 21.45 0.45
C SER A 586 -8.76 20.39 0.17
N HIS A 587 -7.50 20.84 0.19
CA HIS A 587 -6.34 19.97 -0.01
C HIS A 587 -6.33 19.11 -1.26
N THR A 588 -6.87 19.65 -2.35
CA THR A 588 -6.94 18.92 -3.61
C THR A 588 -5.99 19.43 -4.68
N HIS A 589 -4.96 20.17 -4.26
CA HIS A 589 -3.97 20.68 -5.19
C HIS A 589 -2.58 20.32 -4.67
N GLN A 590 -1.94 19.38 -5.35
CA GLN A 590 -0.62 18.92 -4.96
C GLN A 590 0.50 19.52 -5.80
N LEU A 591 1.66 19.69 -5.18
CA LEU A 591 2.83 20.22 -5.85
C LEU A 591 3.50 19.10 -6.63
N ASN A 592 3.50 19.21 -7.96
CA ASN A 592 4.08 18.21 -8.84
C ASN A 592 5.58 18.40 -9.08
N PRO A 593 6.28 17.30 -9.36
CA PRO A 593 7.71 17.39 -9.63
C PRO A 593 7.78 17.72 -11.12
N ASP A 594 8.98 17.96 -11.64
CA ASP A 594 9.12 18.22 -13.06
C ASP A 594 9.05 16.85 -13.72
N PHE A 595 7.92 16.54 -14.34
CA PHE A 595 7.72 15.24 -14.98
C PHE A 595 8.72 14.83 -16.06
N ILE A 596 9.21 15.80 -16.82
CA ILE A 596 10.17 15.49 -17.88
C ILE A 596 11.53 15.15 -17.29
N LYS A 597 11.97 15.89 -16.29
CA LYS A 597 13.25 15.61 -15.66
C LYS A 597 13.14 14.30 -14.89
N LEU A 598 11.95 14.03 -14.35
CA LEU A 598 11.70 12.80 -13.62
C LEU A 598 11.90 11.63 -14.57
N ALA A 599 11.25 11.71 -15.73
CA ALA A 599 11.36 10.66 -16.72
C ALA A 599 12.81 10.38 -17.13
N GLU A 600 13.57 11.46 -17.34
CA GLU A 600 14.97 11.32 -17.70
C GLU A 600 15.80 10.72 -16.56
N ALA A 601 15.49 11.11 -15.31
CA ALA A 601 16.21 10.58 -14.18
C ALA A 601 15.91 9.09 -14.04
N MET A 602 14.71 8.70 -14.45
CA MET A 602 14.26 7.32 -14.37
C MET A 602 14.75 6.47 -15.53
N GLY A 603 15.34 7.10 -16.54
CA GLY A 603 15.88 6.35 -17.66
C GLY A 603 15.10 6.32 -18.96
N LEU A 604 14.05 7.13 -19.09
CA LEU A 604 13.29 7.14 -20.33
C LEU A 604 13.20 8.53 -20.94
N LYS A 605 12.70 8.58 -22.16
CA LYS A 605 12.53 9.82 -22.89
C LYS A 605 11.38 10.63 -22.30
N GLY A 606 11.58 11.93 -22.16
CA GLY A 606 10.56 12.80 -21.61
C GLY A 606 10.20 13.90 -22.59
N LEU A 607 8.91 14.12 -22.79
CA LEU A 607 8.42 15.14 -23.70
C LEU A 607 7.35 15.97 -23.01
N ARG A 608 7.27 17.24 -23.38
CA ARG A 608 6.28 18.15 -22.83
C ARG A 608 5.69 19.02 -23.92
N VAL A 609 4.40 19.31 -23.79
CA VAL A 609 3.74 20.17 -24.76
C VAL A 609 2.72 21.02 -24.01
N LYS A 610 2.66 22.30 -24.35
CA LYS A 610 1.72 23.21 -23.70
C LYS A 610 1.00 24.08 -24.72
N LYS A 611 1.56 24.16 -25.93
CA LYS A 611 0.95 24.97 -26.98
C LYS A 611 0.15 24.18 -27.99
N GLN A 612 -1.07 24.65 -28.24
CA GLN A 612 -1.98 24.02 -29.20
C GLN A 612 -1.30 23.64 -30.51
N GLU A 613 -0.52 24.58 -31.06
CA GLU A 613 0.15 24.39 -32.34
C GLU A 613 1.15 23.25 -32.37
N GLU A 614 1.57 22.79 -31.19
CA GLU A 614 2.55 21.72 -31.13
C GLU A 614 2.00 20.34 -30.74
N LEU A 615 0.73 20.28 -30.35
CA LEU A 615 0.13 19.03 -29.92
C LEU A 615 0.24 17.88 -30.92
N ASP A 616 -0.17 18.12 -32.17
CA ASP A 616 -0.12 17.09 -33.18
C ASP A 616 1.25 16.46 -33.38
N ALA A 617 2.29 17.29 -33.49
CA ALA A 617 3.65 16.81 -33.68
C ALA A 617 4.12 15.99 -32.49
N LYS A 618 3.83 16.49 -31.30
CA LYS A 618 4.24 15.82 -30.06
C LYS A 618 3.56 14.46 -29.89
N LEU A 619 2.27 14.38 -30.22
CA LEU A 619 1.55 13.13 -30.10
C LEU A 619 2.16 12.13 -31.08
N LYS A 620 2.55 12.63 -32.24
CA LYS A 620 3.18 11.83 -33.30
C LYS A 620 4.50 11.24 -32.80
N GLU A 621 5.36 12.12 -32.29
CA GLU A 621 6.66 11.72 -31.78
C GLU A 621 6.47 10.71 -30.65
N PHE A 622 5.51 11.02 -29.79
CA PHE A 622 5.15 10.19 -28.63
C PHE A 622 4.90 8.73 -29.04
N VAL A 623 3.96 8.54 -29.96
CA VAL A 623 3.59 7.22 -30.43
C VAL A 623 4.66 6.50 -31.23
N SER A 624 5.46 7.23 -32.00
CA SER A 624 6.49 6.60 -32.82
C SER A 624 7.84 6.44 -32.12
N THR A 625 7.94 6.94 -30.89
CA THR A 625 9.19 6.80 -30.15
C THR A 625 9.43 5.34 -29.78
N LYS A 626 10.65 4.87 -29.96
CA LYS A 626 10.99 3.51 -29.60
C LYS A 626 11.48 3.55 -28.16
N GLY A 627 11.00 2.63 -27.33
CA GLY A 627 11.41 2.62 -25.95
C GLY A 627 10.37 3.31 -25.10
N PRO A 628 10.46 3.20 -23.77
CA PRO A 628 9.46 3.86 -22.92
C PRO A 628 9.61 5.38 -23.05
N VAL A 629 8.50 6.09 -22.95
CA VAL A 629 8.51 7.52 -23.08
C VAL A 629 7.35 8.14 -22.32
N LEU A 630 7.58 9.32 -21.74
CA LEU A 630 6.53 10.03 -21.02
C LEU A 630 6.26 11.36 -21.72
N LEU A 631 4.98 11.66 -21.89
CA LEU A 631 4.59 12.92 -22.50
C LEU A 631 3.62 13.65 -21.58
N GLU A 632 4.02 14.85 -21.16
CA GLU A 632 3.18 15.65 -20.31
C GLU A 632 2.49 16.68 -21.17
N VAL A 633 1.17 16.77 -21.03
CA VAL A 633 0.40 17.74 -21.77
C VAL A 633 -0.22 18.66 -20.74
N GLU A 634 0.13 19.94 -20.78
CA GLU A 634 -0.45 20.90 -19.86
C GLU A 634 -1.85 21.16 -20.40
N VAL A 635 -2.86 20.91 -19.57
CA VAL A 635 -4.24 21.10 -20.01
C VAL A 635 -4.97 22.10 -19.12
N ASP A 636 -6.09 22.59 -19.64
CA ASP A 636 -6.92 23.55 -18.93
C ASP A 636 -7.38 22.98 -17.59
N LYS A 637 -7.61 23.85 -16.62
CA LYS A 637 -8.01 23.43 -15.28
C LYS A 637 -9.48 23.62 -14.97
N LYS A 638 -9.94 22.99 -13.90
CA LYS A 638 -11.33 23.08 -13.47
C LYS A 638 -12.35 22.87 -14.60
N VAL A 639 -12.07 21.90 -15.48
CA VAL A 639 -12.99 21.57 -16.56
C VAL A 639 -13.78 20.36 -16.09
N PRO A 640 -15.10 20.49 -15.97
CA PRO A 640 -15.91 19.35 -15.51
C PRO A 640 -16.20 18.29 -16.57
N VAL A 641 -16.37 17.05 -16.12
CA VAL A 641 -16.70 15.96 -17.00
C VAL A 641 -18.22 15.99 -17.13
N LEU A 642 -18.70 16.02 -18.38
CA LEU A 642 -20.13 16.04 -18.64
C LEU A 642 -20.41 15.13 -19.83
N PRO A 643 -21.65 14.65 -19.97
CA PRO A 643 -22.78 14.89 -19.07
C PRO A 643 -22.58 14.22 -17.72
N MET A 644 -23.42 14.57 -16.75
CA MET A 644 -23.30 14.00 -15.42
C MET A 644 -24.63 13.75 -14.72
N VAL A 645 -24.74 12.56 -14.12
CA VAL A 645 -25.92 12.15 -13.39
C VAL A 645 -25.43 11.86 -11.98
N ALA A 646 -25.85 12.66 -11.01
CA ALA A 646 -25.39 12.45 -9.65
C ALA A 646 -26.46 12.69 -8.60
N GLY A 647 -26.24 12.12 -7.41
CA GLY A 647 -27.20 12.26 -6.33
C GLY A 647 -28.47 11.47 -6.54
N GLY A 648 -29.61 12.16 -6.43
CA GLY A 648 -30.89 11.49 -6.60
C GLY A 648 -31.44 11.61 -8.02
N SER A 649 -30.60 12.07 -8.94
CA SER A 649 -31.03 12.21 -10.33
C SER A 649 -31.14 10.85 -11.02
N GLY A 650 -32.05 10.77 -11.97
CA GLY A 650 -32.23 9.54 -12.73
C GLY A 650 -31.29 9.63 -13.92
N LEU A 651 -31.07 8.53 -14.62
CA LEU A 651 -30.17 8.55 -15.76
C LEU A 651 -30.59 9.57 -16.83
N ASP A 652 -31.87 9.91 -16.85
CA ASP A 652 -32.36 10.87 -17.83
C ASP A 652 -32.39 12.31 -17.31
N GLU A 653 -31.96 12.50 -16.06
CA GLU A 653 -31.92 13.83 -15.45
C GLU A 653 -30.47 14.26 -15.29
N PHE A 654 -29.76 14.30 -16.41
CA PHE A 654 -28.35 14.65 -16.43
C PHE A 654 -28.05 16.13 -16.64
N ILE A 655 -26.86 16.53 -16.23
CA ILE A 655 -26.40 17.89 -16.42
C ILE A 655 -25.69 17.82 -17.76
N ASN A 656 -26.00 18.74 -18.66
CA ASN A 656 -25.41 18.76 -19.98
C ASN A 656 -24.47 19.94 -20.15
N PHE A 657 -23.47 19.80 -21.02
CA PHE A 657 -22.52 20.87 -21.26
C PHE A 657 -23.23 22.12 -21.82
N ASP A 658 -22.82 23.28 -21.34
CA ASP A 658 -23.36 24.56 -21.77
C ASP A 658 -22.24 25.60 -21.63
N PRO A 659 -21.70 26.08 -22.77
CA PRO A 659 -20.61 27.07 -22.75
C PRO A 659 -20.89 28.33 -21.93
N GLU A 660 -22.13 28.79 -21.93
CA GLU A 660 -22.49 29.97 -21.18
C GLU A 660 -22.39 29.71 -19.69
N VAL A 661 -22.91 28.56 -19.25
CA VAL A 661 -22.88 28.19 -17.85
C VAL A 661 -21.43 27.99 -17.39
N GLU A 662 -20.60 27.36 -18.23
CA GLU A 662 -19.21 27.14 -17.86
C GLU A 662 -18.53 28.47 -17.55
N ARG A 663 -18.81 29.47 -18.38
CA ARG A 663 -18.23 30.80 -18.19
C ARG A 663 -18.72 31.44 -16.90
N GLN A 664 -20.01 31.29 -16.61
CA GLN A 664 -20.57 31.85 -15.38
C GLN A 664 -19.95 31.14 -14.16
N GLN A 665 -19.86 29.82 -14.21
CA GLN A 665 -19.28 29.04 -13.11
C GLN A 665 -17.82 29.40 -12.89
N THR A 666 -17.13 29.74 -13.98
CA THR A 666 -15.72 30.11 -13.89
C THR A 666 -15.57 31.41 -13.10
N GLU A 667 -16.40 32.40 -13.44
CA GLU A 667 -16.36 33.69 -12.75
C GLU A 667 -16.67 33.46 -11.28
N LEU A 668 -17.71 32.67 -11.02
CA LEU A 668 -18.14 32.35 -9.67
C LEU A 668 -17.01 31.66 -8.90
N ARG A 669 -16.23 30.86 -9.60
CA ARG A 669 -15.13 30.14 -8.97
C ARG A 669 -14.02 31.10 -8.53
N HIS A 670 -13.64 32.03 -9.40
CA HIS A 670 -12.59 32.99 -9.07
C HIS A 670 -12.93 33.83 -7.84
N LYS A 671 -14.20 34.18 -7.69
CA LYS A 671 -14.66 34.98 -6.56
C LYS A 671 -14.57 34.16 -5.27
N ARG A 672 -15.21 32.99 -5.29
CA ARG A 672 -15.23 32.12 -4.13
C ARG A 672 -13.88 31.67 -3.60
N THR A 673 -12.93 31.40 -4.49
CA THR A 673 -11.61 30.96 -4.06
C THR A 673 -10.68 32.12 -3.77
N GLY A 674 -11.22 33.33 -3.73
CA GLY A 674 -10.38 34.49 -3.48
C GLY A 674 -9.34 34.61 -4.59
N GLY A 675 -9.70 34.14 -5.78
CA GLY A 675 -8.80 34.22 -6.91
C GLY A 675 -7.70 33.18 -6.97
N LYS A 676 -7.73 32.20 -6.09
CA LYS A 676 -6.70 31.16 -6.10
C LYS A 676 -6.90 30.11 -7.21
N HIS A 677 -8.15 29.94 -7.65
CA HIS A 677 -8.47 28.97 -8.69
C HIS A 677 -9.60 29.48 -9.58
N ASP B 74 -25.20 17.65 32.27
CA ASP B 74 -25.70 16.33 31.78
C ASP B 74 -25.63 16.23 30.25
N MET B 75 -26.48 17.00 29.58
CA MET B 75 -26.50 17.01 28.12
C MET B 75 -25.74 18.20 27.58
N ASP B 76 -25.12 18.04 26.40
CA ASP B 76 -24.36 19.10 25.78
C ASP B 76 -24.99 19.49 24.44
N THR B 77 -25.00 20.79 24.15
CA THR B 77 -25.59 21.28 22.91
C THR B 77 -24.65 22.18 22.11
N SER B 78 -23.38 22.20 22.51
CA SER B 78 -22.39 23.03 21.83
C SER B 78 -22.14 22.54 20.41
N PHE B 79 -22.59 21.32 20.09
CA PHE B 79 -22.40 20.75 18.76
C PHE B 79 -23.68 20.72 17.93
N VAL B 80 -24.83 20.94 18.58
CA VAL B 80 -26.10 20.93 17.87
C VAL B 80 -26.05 21.96 16.74
N GLY B 81 -26.52 21.57 15.56
CA GLY B 81 -26.50 22.46 14.42
C GLY B 81 -25.25 22.30 13.57
N LEU B 82 -24.31 21.48 14.04
CA LEU B 82 -23.08 21.25 13.30
C LEU B 82 -23.08 19.92 12.56
N THR B 83 -22.39 19.86 11.43
CA THR B 83 -22.30 18.63 10.65
C THR B 83 -21.25 17.76 11.33
N GLY B 84 -21.28 16.46 11.04
CA GLY B 84 -20.30 15.56 11.63
C GLY B 84 -18.90 16.04 11.30
N GLY B 85 -18.73 16.57 10.09
CA GLY B 85 -17.43 17.07 9.67
C GLY B 85 -16.95 18.22 10.54
N GLN B 86 -17.85 19.15 10.82
CA GLN B 86 -17.52 20.30 11.66
C GLN B 86 -17.22 19.84 13.07
N ILE B 87 -17.95 18.81 13.52
CA ILE B 87 -17.74 18.25 14.85
C ILE B 87 -16.34 17.64 14.89
N PHE B 88 -15.95 17.01 13.78
CA PHE B 88 -14.64 16.40 13.69
C PHE B 88 -13.58 17.48 13.85
N ASN B 89 -13.82 18.62 13.20
CA ASN B 89 -12.91 19.75 13.26
C ASN B 89 -12.75 20.21 14.71
N GLU B 90 -13.88 20.32 15.42
CA GLU B 90 -13.85 20.75 16.81
C GLU B 90 -13.13 19.73 17.69
N MET B 91 -13.42 18.45 17.48
CA MET B 91 -12.80 17.39 18.28
C MET B 91 -11.28 17.35 18.16
N MET B 92 -10.74 17.74 17.01
CA MET B 92 -9.29 17.73 16.83
C MET B 92 -8.70 18.76 17.79
N SER B 93 -9.39 19.89 17.90
CA SER B 93 -8.97 20.97 18.78
C SER B 93 -9.01 20.50 20.23
N ARG B 94 -10.12 19.91 20.63
CA ARG B 94 -10.27 19.42 22.00
C ARG B 94 -9.23 18.36 22.35
N GLN B 95 -8.80 17.59 21.35
CA GLN B 95 -7.81 16.54 21.57
C GLN B 95 -6.39 17.09 21.44
N ASN B 96 -6.28 18.42 21.37
CA ASN B 96 -4.99 19.08 21.26
C ASN B 96 -4.18 18.61 20.06
N VAL B 97 -4.86 18.39 18.94
CA VAL B 97 -4.20 17.96 17.71
C VAL B 97 -3.69 19.18 16.96
N ASP B 98 -2.41 19.19 16.62
CA ASP B 98 -1.86 20.34 15.91
C ASP B 98 -1.46 20.00 14.48
N THR B 99 -1.56 18.73 14.12
CA THR B 99 -1.20 18.31 12.77
C THR B 99 -2.00 17.09 12.30
N VAL B 100 -2.50 17.17 11.08
CA VAL B 100 -3.26 16.06 10.49
C VAL B 100 -2.63 15.70 9.16
N PHE B 101 -2.36 14.41 8.96
CA PHE B 101 -1.78 13.93 7.70
C PHE B 101 -2.89 13.20 6.95
N GLY B 102 -3.10 13.56 5.69
CA GLY B 102 -4.15 12.90 4.94
C GLY B 102 -4.19 13.16 3.45
N TYR B 103 -5.14 12.52 2.79
CA TYR B 103 -5.34 12.65 1.35
C TYR B 103 -6.85 12.61 1.14
N PRO B 104 -7.40 13.61 0.43
CA PRO B 104 -8.85 13.67 0.20
C PRO B 104 -9.39 12.66 -0.81
N GLY B 105 -10.70 12.41 -0.69
CA GLY B 105 -11.38 11.48 -1.58
C GLY B 105 -12.88 11.67 -1.44
N GLY B 106 -13.63 11.10 -2.38
CA GLY B 106 -15.08 11.23 -2.37
C GLY B 106 -15.83 11.03 -1.07
N ALA B 107 -15.71 9.84 -0.49
CA ALA B 107 -16.42 9.50 0.73
C ALA B 107 -16.08 10.37 1.94
N ILE B 108 -14.89 10.94 1.96
CA ILE B 108 -14.45 11.75 3.09
C ILE B 108 -14.60 13.25 2.85
N LEU B 109 -15.21 13.63 1.73
CA LEU B 109 -15.38 15.05 1.41
C LEU B 109 -16.09 15.91 2.47
N PRO B 110 -17.14 15.37 3.11
CA PRO B 110 -17.82 16.18 4.12
C PRO B 110 -16.86 16.66 5.21
N VAL B 111 -15.87 15.84 5.54
CA VAL B 111 -14.90 16.21 6.56
C VAL B 111 -13.90 17.23 6.01
N TYR B 112 -13.42 16.99 4.80
CA TYR B 112 -12.47 17.92 4.21
C TYR B 112 -13.08 19.31 4.04
N ASP B 113 -14.39 19.36 3.82
CA ASP B 113 -15.06 20.64 3.66
C ASP B 113 -15.06 21.40 4.99
N ALA B 114 -15.30 20.67 6.07
CA ALA B 114 -15.35 21.25 7.41
C ALA B 114 -13.99 21.70 7.93
N ILE B 115 -12.90 21.10 7.44
CA ILE B 115 -11.57 21.50 7.90
C ILE B 115 -10.90 22.41 6.89
N HIS B 116 -11.65 22.80 5.86
CA HIS B 116 -11.11 23.68 4.83
C HIS B 116 -10.65 24.98 5.50
N ASN B 117 -9.37 25.30 5.34
CA ASN B 117 -8.79 26.51 5.94
C ASN B 117 -8.94 26.54 7.46
N SER B 118 -8.93 25.37 8.09
CA SER B 118 -9.05 25.31 9.53
C SER B 118 -7.81 25.87 10.20
N ASP B 119 -8.00 26.58 11.31
CA ASP B 119 -6.89 27.16 12.05
C ASP B 119 -6.63 26.32 13.30
N LYS B 120 -7.44 25.28 13.48
CA LYS B 120 -7.32 24.39 14.62
C LYS B 120 -6.02 23.58 14.55
N PHE B 121 -5.53 23.35 13.34
CA PHE B 121 -4.31 22.56 13.15
C PHE B 121 -3.75 22.71 11.74
N ASN B 122 -2.54 22.20 11.54
CA ASN B 122 -1.91 22.25 10.24
C ASN B 122 -2.17 20.93 9.51
N PHE B 123 -2.18 21.00 8.19
CA PHE B 123 -2.43 19.81 7.37
C PHE B 123 -1.22 19.48 6.50
N VAL B 124 -0.87 18.20 6.43
CA VAL B 124 0.24 17.76 5.60
C VAL B 124 -0.28 16.80 4.54
N LEU B 125 -0.04 17.14 3.28
CA LEU B 125 -0.50 16.34 2.16
C LEU B 125 0.63 15.55 1.49
N PRO B 126 0.49 14.21 1.40
CA PRO B 126 1.52 13.38 0.78
C PRO B 126 1.07 13.09 -0.65
N LYS B 127 1.79 12.23 -1.36
CA LYS B 127 1.39 11.86 -2.72
C LYS B 127 0.70 10.50 -2.69
N HIS B 128 0.84 9.78 -1.58
CA HIS B 128 0.26 8.45 -1.42
C HIS B 128 -0.14 8.26 0.05
N GLU B 129 -1.29 7.65 0.30
CA GLU B 129 -1.73 7.45 1.68
C GLU B 129 -0.72 6.71 2.56
N GLN B 130 0.11 5.86 1.94
CA GLN B 130 1.11 5.15 2.74
C GLN B 130 2.04 6.22 3.33
N GLY B 131 2.30 7.25 2.53
CA GLY B 131 3.15 8.33 2.99
C GLY B 131 2.53 9.02 4.19
N ALA B 132 1.24 9.29 4.12
CA ALA B 132 0.54 9.94 5.23
C ALA B 132 0.71 9.10 6.49
N GLY B 133 0.56 7.79 6.33
CA GLY B 133 0.68 6.88 7.45
C GLY B 133 2.04 6.91 8.10
N HIS B 134 3.10 6.71 7.32
CA HIS B 134 4.44 6.73 7.87
C HIS B 134 4.85 8.10 8.38
N MET B 135 4.30 9.16 7.77
CA MET B 135 4.60 10.52 8.21
C MET B 135 4.03 10.68 9.62
N ALA B 136 2.80 10.21 9.81
CA ALA B 136 2.15 10.30 11.10
C ALA B 136 2.93 9.50 12.15
N GLU B 137 3.49 8.36 11.73
CA GLU B 137 4.26 7.54 12.66
C GLU B 137 5.52 8.31 13.06
N GLY B 138 6.16 8.94 12.08
CA GLY B 138 7.35 9.71 12.35
C GLY B 138 7.01 10.82 13.33
N TYR B 139 5.89 11.49 13.07
CA TYR B 139 5.42 12.57 13.92
C TYR B 139 5.22 12.07 15.35
N ALA B 140 4.53 10.95 15.49
CA ALA B 140 4.25 10.37 16.81
C ALA B 140 5.53 10.03 17.57
N ARG B 141 6.46 9.37 16.89
CA ARG B 141 7.74 8.96 17.49
C ARG B 141 8.55 10.15 18.02
N ALA B 142 8.55 11.24 17.27
CA ALA B 142 9.32 12.42 17.65
C ALA B 142 8.64 13.37 18.62
N SER B 143 7.32 13.42 18.59
CA SER B 143 6.57 14.34 19.45
C SER B 143 6.00 13.71 20.72
N GLY B 144 5.67 12.43 20.66
CA GLY B 144 5.08 11.78 21.81
C GLY B 144 3.56 11.93 21.77
N LYS B 145 3.08 12.61 20.73
CA LYS B 145 1.64 12.80 20.53
C LYS B 145 1.16 11.82 19.47
N PRO B 146 -0.12 11.44 19.51
CA PRO B 146 -0.62 10.51 18.51
C PRO B 146 -0.63 11.10 17.09
N GLY B 147 -0.29 10.29 16.10
CA GLY B 147 -0.29 10.75 14.73
C GLY B 147 -1.72 10.59 14.21
N VAL B 148 -2.28 11.65 13.63
CA VAL B 148 -3.65 11.59 13.12
C VAL B 148 -3.67 11.52 11.58
N VAL B 149 -4.39 10.52 11.08
CA VAL B 149 -4.51 10.29 9.63
C VAL B 149 -5.96 10.44 9.16
N LEU B 150 -6.14 11.10 8.01
CA LEU B 150 -7.47 11.32 7.45
C LEU B 150 -7.46 10.97 5.95
N VAL B 151 -8.06 9.83 5.61
CA VAL B 151 -8.09 9.39 4.21
C VAL B 151 -9.50 9.00 3.76
N THR B 152 -9.65 8.72 2.47
CA THR B 152 -10.97 8.36 1.95
C THR B 152 -11.26 6.86 2.03
N SER B 153 -12.42 6.46 1.54
CA SER B 153 -12.81 5.06 1.56
C SER B 153 -12.04 4.23 0.52
N GLY B 154 -12.39 2.95 0.42
CA GLY B 154 -11.77 2.07 -0.54
C GLY B 154 -10.26 2.06 -0.59
N PRO B 155 -9.66 2.39 -1.75
CA PRO B 155 -8.21 2.40 -1.91
C PRO B 155 -7.51 3.32 -0.90
N GLY B 156 -8.20 4.40 -0.51
CA GLY B 156 -7.62 5.30 0.47
C GLY B 156 -7.33 4.53 1.75
N ALA B 157 -8.32 3.76 2.19
CA ALA B 157 -8.19 2.96 3.41
C ALA B 157 -7.22 1.79 3.24
N THR B 158 -7.29 1.08 2.12
CA THR B 158 -6.40 -0.06 1.93
C THR B 158 -4.95 0.40 1.82
N ASN B 159 -4.74 1.62 1.31
CA ASN B 159 -3.39 2.15 1.17
C ASN B 159 -2.72 2.48 2.51
N VAL B 160 -3.48 2.48 3.61
CA VAL B 160 -2.86 2.76 4.90
C VAL B 160 -2.74 1.52 5.79
N VAL B 161 -2.97 0.34 5.22
CA VAL B 161 -2.87 -0.88 5.99
C VAL B 161 -1.43 -1.15 6.46
N THR B 162 -0.46 -0.91 5.59
CA THR B 162 0.93 -1.13 5.94
C THR B 162 1.35 -0.25 7.12
N PRO B 163 1.06 1.07 7.05
CA PRO B 163 1.45 1.94 8.17
C PRO B 163 0.78 1.50 9.48
N MET B 164 -0.46 1.05 9.41
CA MET B 164 -1.16 0.60 10.62
C MET B 164 -0.47 -0.66 11.16
N ALA B 165 -0.20 -1.62 10.30
CA ALA B 165 0.46 -2.86 10.70
C ALA B 165 1.83 -2.50 11.29
N ASP B 166 2.46 -1.49 10.71
CA ASP B 166 3.77 -1.05 11.17
C ASP B 166 3.67 -0.42 12.57
N ALA B 167 2.68 0.42 12.77
CA ALA B 167 2.47 1.09 14.06
C ALA B 167 2.05 0.06 15.11
N PHE B 168 1.29 -0.95 14.69
CA PHE B 168 0.81 -2.00 15.59
C PHE B 168 2.01 -2.80 16.10
N ALA B 169 2.94 -3.11 15.20
CA ALA B 169 4.12 -3.88 15.57
C ALA B 169 5.03 -3.13 16.53
N ASP B 170 5.22 -1.83 16.30
CA ASP B 170 6.10 -1.03 17.15
C ASP B 170 5.41 -0.21 18.26
N GLY B 171 4.12 -0.42 18.45
CA GLY B 171 3.41 0.30 19.49
C GLY B 171 3.40 1.81 19.36
N ILE B 172 3.05 2.31 18.18
CA ILE B 172 3.01 3.75 17.93
C ILE B 172 1.59 4.29 17.96
N PRO B 173 1.34 5.33 18.79
CA PRO B 173 0.01 5.92 18.89
C PRO B 173 -0.41 6.56 17.57
N MET B 174 -1.52 6.08 17.00
CA MET B 174 -2.00 6.59 15.73
C MET B 174 -3.51 6.44 15.63
N VAL B 175 -4.17 7.50 15.18
CA VAL B 175 -5.62 7.48 15.02
C VAL B 175 -5.91 7.69 13.54
N VAL B 176 -6.37 6.63 12.90
CA VAL B 176 -6.67 6.65 11.48
C VAL B 176 -8.15 6.85 11.21
N PHE B 177 -8.47 7.94 10.53
CA PHE B 177 -9.85 8.22 10.17
C PHE B 177 -10.01 7.89 8.69
N THR B 178 -10.93 7.00 8.37
CA THR B 178 -11.16 6.62 6.99
C THR B 178 -12.59 6.92 6.58
N GLY B 179 -12.75 7.59 5.43
CA GLY B 179 -14.07 7.88 4.96
C GLY B 179 -14.69 6.57 4.52
N GLN B 180 -16.02 6.50 4.51
CA GLN B 180 -16.73 5.29 4.10
C GLN B 180 -17.94 5.73 3.31
N VAL B 181 -18.42 4.85 2.44
CA VAL B 181 -19.59 5.15 1.64
C VAL B 181 -20.79 5.31 2.57
N PRO B 182 -21.87 5.96 2.10
CA PRO B 182 -23.07 6.15 2.91
C PRO B 182 -23.54 4.85 3.53
N THR B 183 -24.09 4.92 4.74
CA THR B 183 -24.58 3.72 5.42
C THR B 183 -25.62 3.02 4.56
N SER B 184 -26.28 3.77 3.69
CA SER B 184 -27.29 3.20 2.80
C SER B 184 -26.68 2.50 1.59
N ALA B 185 -25.35 2.53 1.48
CA ALA B 185 -24.67 1.87 0.37
C ALA B 185 -23.79 0.72 0.86
N ILE B 186 -23.51 0.71 2.16
CA ILE B 186 -22.68 -0.33 2.76
C ILE B 186 -23.32 -1.70 2.57
N GLY B 187 -22.51 -2.66 2.11
CA GLY B 187 -23.00 -4.01 1.89
C GLY B 187 -23.56 -4.25 0.49
N THR B 188 -23.39 -3.28 -0.41
CA THR B 188 -23.90 -3.43 -1.76
C THR B 188 -22.80 -3.42 -2.82
N ASP B 189 -21.55 -3.59 -2.39
CA ASP B 189 -20.42 -3.55 -3.33
C ASP B 189 -20.46 -2.19 -4.00
N ALA B 190 -20.60 -1.15 -3.18
CA ALA B 190 -20.67 0.22 -3.66
C ALA B 190 -19.33 0.75 -4.18
N PHE B 191 -19.42 1.85 -4.91
CA PHE B 191 -18.25 2.50 -5.46
C PHE B 191 -17.26 2.83 -4.34
N GLN B 192 -16.02 2.36 -4.50
CA GLN B 192 -14.97 2.58 -3.53
C GLN B 192 -15.30 2.10 -2.11
N GLU B 193 -16.06 1.00 -2.01
CA GLU B 193 -16.38 0.47 -0.68
C GLU B 193 -15.46 -0.68 -0.32
N ALA B 194 -15.00 -0.70 0.93
CA ALA B 194 -14.15 -1.78 1.41
C ALA B 194 -14.56 -2.09 2.84
N ASP B 195 -14.35 -3.32 3.27
CA ASP B 195 -14.69 -3.71 4.63
C ASP B 195 -13.46 -3.35 5.46
N VAL B 196 -13.25 -2.05 5.64
CA VAL B 196 -12.10 -1.54 6.38
C VAL B 196 -12.00 -2.00 7.83
N VAL B 197 -13.15 -2.11 8.50
CA VAL B 197 -13.16 -2.56 9.88
C VAL B 197 -12.67 -4.01 9.98
N GLY B 198 -13.02 -4.82 8.98
CA GLY B 198 -12.59 -6.21 8.97
C GLY B 198 -11.12 -6.33 8.60
N ILE B 199 -10.73 -5.60 7.57
CA ILE B 199 -9.35 -5.61 7.09
C ILE B 199 -8.34 -5.18 8.16
N SER B 200 -8.65 -4.11 8.86
CA SER B 200 -7.74 -3.56 9.87
C SER B 200 -7.87 -4.14 11.28
N ARG B 201 -8.74 -5.14 11.46
CA ARG B 201 -8.93 -5.73 12.79
C ARG B 201 -7.63 -6.22 13.42
N SER B 202 -6.85 -7.00 12.68
CA SER B 202 -5.60 -7.55 13.21
C SER B 202 -4.45 -6.53 13.27
N CYS B 203 -4.67 -5.32 12.74
CA CYS B 203 -3.66 -4.27 12.68
C CYS B 203 -3.99 -3.05 13.53
N THR B 204 -4.99 -3.15 14.39
CA THR B 204 -5.36 -2.02 15.22
C THR B 204 -5.73 -2.54 16.61
N LYS B 205 -5.47 -1.74 17.63
CA LYS B 205 -5.80 -2.14 18.97
C LYS B 205 -7.31 -2.16 19.06
N TRP B 206 -7.94 -1.33 18.24
CA TRP B 206 -9.39 -1.19 18.25
C TRP B 206 -9.84 -0.40 17.02
N ASN B 207 -11.04 -0.67 16.54
CA ASN B 207 -11.59 0.07 15.42
C ASN B 207 -13.10 0.07 15.55
N VAL B 208 -13.76 0.94 14.80
CA VAL B 208 -15.22 1.04 14.87
C VAL B 208 -15.73 1.80 13.67
N MET B 209 -17.03 1.70 13.44
CA MET B 209 -17.67 2.43 12.35
C MET B 209 -18.73 3.30 12.99
N VAL B 210 -18.59 4.62 12.86
CA VAL B 210 -19.55 5.54 13.43
C VAL B 210 -20.88 5.38 12.69
N LYS B 211 -21.93 5.02 13.44
CA LYS B 211 -23.25 4.79 12.86
C LYS B 211 -24.14 6.02 12.81
N SER B 212 -23.85 7.01 13.65
CA SER B 212 -24.64 8.24 13.67
C SER B 212 -23.78 9.39 14.13
N VAL B 213 -24.16 10.61 13.75
CA VAL B 213 -23.40 11.78 14.13
C VAL B 213 -23.39 11.98 15.65
N GLU B 214 -24.45 11.50 16.31
CA GLU B 214 -24.55 11.64 17.77
C GLU B 214 -23.42 10.93 18.52
N GLU B 215 -22.93 9.83 17.96
CA GLU B 215 -21.87 9.07 18.61
C GLU B 215 -20.46 9.42 18.14
N LEU B 216 -20.37 10.37 17.21
CA LEU B 216 -19.07 10.77 16.68
C LEU B 216 -18.13 11.27 17.77
N PRO B 217 -18.59 12.22 18.61
CA PRO B 217 -17.72 12.73 19.67
C PRO B 217 -17.24 11.61 20.57
N LEU B 218 -18.12 10.67 20.87
CA LEU B 218 -17.78 9.55 21.74
C LEU B 218 -16.71 8.65 21.11
N ARG B 219 -16.94 8.24 19.87
CA ARG B 219 -16.00 7.35 19.20
C ARG B 219 -14.63 7.99 19.05
N ILE B 220 -14.59 9.29 18.77
CA ILE B 220 -13.32 9.98 18.61
C ILE B 220 -12.57 9.97 19.94
N ASN B 221 -13.27 10.27 21.04
CA ASN B 221 -12.64 10.29 22.35
C ASN B 221 -12.14 8.90 22.75
N GLU B 222 -12.90 7.87 22.45
CA GLU B 222 -12.48 6.52 22.78
C GLU B 222 -11.23 6.14 21.98
N ALA B 223 -11.20 6.58 20.72
CA ALA B 223 -10.08 6.27 19.83
C ALA B 223 -8.76 6.84 20.36
N PHE B 224 -8.74 8.14 20.65
CA PHE B 224 -7.53 8.78 21.15
C PHE B 224 -7.10 8.19 22.49
N GLU B 225 -8.08 7.87 23.34
CA GLU B 225 -7.74 7.29 24.64
C GLU B 225 -7.09 5.92 24.45
N ILE B 226 -7.73 5.07 23.65
CA ILE B 226 -7.21 3.73 23.41
C ILE B 226 -5.84 3.73 22.72
N ALA B 227 -5.65 4.65 21.77
CA ALA B 227 -4.40 4.75 21.04
C ALA B 227 -3.24 5.20 21.93
N THR B 228 -3.56 5.93 22.99
CA THR B 228 -2.52 6.44 23.89
C THR B 228 -2.40 5.72 25.23
N SER B 229 -3.21 4.69 25.46
CA SER B 229 -3.17 3.94 26.72
C SER B 229 -2.41 2.62 26.62
N GLY B 230 -2.17 2.00 27.78
CA GLY B 230 -1.45 0.74 27.82
C GLY B 230 -0.25 0.83 26.89
N ARG B 231 -0.12 -0.14 25.99
CA ARG B 231 0.96 -0.05 25.03
C ARG B 231 0.35 0.77 23.90
N PRO B 232 0.93 1.94 23.58
CA PRO B 232 0.36 2.76 22.51
C PRO B 232 0.20 1.94 21.23
N GLY B 233 -0.74 2.33 20.38
CA GLY B 233 -0.95 1.60 19.14
C GLY B 233 -1.91 2.31 18.21
N PRO B 234 -2.12 1.76 17.00
CA PRO B 234 -3.05 2.37 16.03
C PRO B 234 -4.50 1.97 16.26
N VAL B 235 -5.41 2.90 15.95
CA VAL B 235 -6.83 2.64 16.04
C VAL B 235 -7.44 3.23 14.78
N LEU B 236 -8.57 2.70 14.34
CA LEU B 236 -9.20 3.21 13.13
C LEU B 236 -10.66 3.54 13.36
N VAL B 237 -11.09 4.66 12.82
CA VAL B 237 -12.48 5.10 12.93
C VAL B 237 -13.04 5.29 11.52
N ASP B 238 -13.99 4.44 11.16
CA ASP B 238 -14.62 4.46 9.84
C ASP B 238 -15.76 5.49 9.87
N LEU B 239 -15.73 6.42 8.92
CA LEU B 239 -16.72 7.50 8.87
C LEU B 239 -17.60 7.53 7.63
N PRO B 240 -18.81 6.96 7.70
CA PRO B 240 -19.72 6.96 6.55
C PRO B 240 -19.97 8.40 6.12
N LYS B 241 -20.00 8.64 4.81
CA LYS B 241 -20.22 9.98 4.30
C LYS B 241 -21.51 10.64 4.77
N ASP B 242 -22.59 9.86 4.86
CA ASP B 242 -23.86 10.40 5.31
C ASP B 242 -23.82 10.80 6.78
N VAL B 243 -22.94 10.17 7.55
CA VAL B 243 -22.80 10.49 8.97
C VAL B 243 -22.03 11.81 9.14
N THR B 244 -20.96 11.98 8.38
CA THR B 244 -20.17 13.19 8.48
C THR B 244 -20.88 14.39 7.83
N ALA B 245 -21.84 14.11 6.95
CA ALA B 245 -22.58 15.18 6.30
C ALA B 245 -23.81 15.53 7.14
N ALA B 246 -24.23 14.58 7.98
CA ALA B 246 -25.41 14.76 8.84
C ALA B 246 -25.23 15.87 9.86
N ILE B 247 -26.32 16.57 10.16
CA ILE B 247 -26.30 17.67 11.13
C ILE B 247 -26.85 17.21 12.48
N LEU B 248 -26.10 17.48 13.55
CA LEU B 248 -26.53 17.09 14.89
C LEU B 248 -27.75 17.91 15.29
N ARG B 249 -28.89 17.23 15.48
CA ARG B 249 -30.13 17.90 15.86
C ARG B 249 -30.40 17.85 17.35
N ASN B 250 -30.23 16.68 17.95
CA ASN B 250 -30.48 16.50 19.37
C ASN B 250 -29.21 16.57 20.20
N PRO B 251 -29.31 17.06 21.44
CA PRO B 251 -28.16 17.16 22.35
C PRO B 251 -27.64 15.79 22.74
N ILE B 252 -26.35 15.72 23.07
CA ILE B 252 -25.74 14.45 23.45
C ILE B 252 -25.09 14.55 24.83
N PRO B 253 -24.95 13.41 25.53
CA PRO B 253 -24.34 13.39 26.86
C PRO B 253 -23.01 14.14 26.89
N THR B 254 -22.89 15.12 27.77
CA THR B 254 -21.68 15.92 27.90
C THR B 254 -20.47 15.04 28.21
N LYS B 255 -20.73 13.87 28.79
CA LYS B 255 -19.67 12.93 29.14
C LYS B 255 -18.98 12.38 27.90
N THR B 256 -19.77 12.09 26.87
CA THR B 256 -19.26 11.55 25.62
C THR B 256 -18.62 12.60 24.71
N THR B 257 -18.56 13.85 25.17
CA THR B 257 -17.99 14.91 24.37
C THR B 257 -16.62 15.37 24.89
N LEU B 258 -16.29 14.97 26.10
CA LEU B 258 -15.02 15.34 26.71
C LEU B 258 -14.04 14.18 26.77
N PRO B 259 -12.76 14.44 26.44
CA PRO B 259 -11.69 13.43 26.45
C PRO B 259 -11.61 12.67 27.76
N GLN B 271 -4.20 -6.94 41.83
CA GLN B 271 -4.59 -5.72 42.53
C GLN B 271 -3.40 -4.79 42.70
N ASP B 272 -3.62 -3.68 43.38
CA ASP B 272 -2.57 -2.69 43.62
C ASP B 272 -1.50 -3.31 44.51
N GLU B 273 -1.92 -4.25 45.35
CA GLU B 273 -1.02 -4.93 46.28
C GLU B 273 -0.03 -5.82 45.54
N PHE B 274 -0.52 -6.58 44.56
CA PHE B 274 0.33 -7.48 43.79
C PHE B 274 1.50 -6.73 43.16
N VAL B 275 1.24 -5.51 42.70
CA VAL B 275 2.28 -4.70 42.08
C VAL B 275 3.35 -4.31 43.08
N MET B 276 2.92 -3.72 44.19
CA MET B 276 3.87 -3.31 45.23
C MET B 276 4.66 -4.51 45.70
N GLN B 277 4.00 -5.65 45.83
CA GLN B 277 4.64 -6.88 46.25
C GLN B 277 5.74 -7.27 45.28
N SER B 278 5.44 -7.11 43.99
CA SER B 278 6.39 -7.44 42.93
C SER B 278 7.55 -6.46 42.93
N ILE B 279 7.27 -5.20 43.27
CA ILE B 279 8.30 -4.17 43.32
C ILE B 279 9.28 -4.50 44.46
N ASN B 280 8.74 -4.87 45.62
CA ASN B 280 9.57 -5.20 46.77
C ASN B 280 10.48 -6.38 46.45
N LYS B 281 9.88 -7.47 45.96
CA LYS B 281 10.64 -8.65 45.62
C LYS B 281 11.67 -8.35 44.53
N ALA B 282 11.31 -7.46 43.61
CA ALA B 282 12.21 -7.07 42.54
C ALA B 282 13.43 -6.36 43.12
N ALA B 283 13.19 -5.44 44.04
CA ALA B 283 14.27 -4.70 44.68
C ALA B 283 15.21 -5.63 45.44
N ASP B 284 14.63 -6.60 46.15
CA ASP B 284 15.44 -7.54 46.91
C ASP B 284 16.29 -8.40 45.98
N LEU B 285 15.68 -8.88 44.91
CA LEU B 285 16.37 -9.72 43.94
C LEU B 285 17.52 -8.95 43.29
N ILE B 286 17.33 -7.64 43.12
CA ILE B 286 18.37 -6.81 42.52
C ILE B 286 19.51 -6.58 43.49
N ASN B 287 19.18 -6.31 44.75
CA ASN B 287 20.20 -6.08 45.77
C ASN B 287 21.03 -7.34 45.99
N LEU B 288 20.51 -8.46 45.53
CA LEU B 288 21.17 -9.76 45.66
C LEU B 288 21.97 -10.14 44.41
N ALA B 289 21.73 -9.45 43.30
CA ALA B 289 22.41 -9.72 42.04
C ALA B 289 23.92 -9.46 42.06
N LYS B 290 24.67 -10.40 41.49
CA LYS B 290 26.13 -10.28 41.44
C LYS B 290 26.56 -9.83 40.04
N LYS B 291 25.79 -10.22 39.02
CA LYS B 291 26.09 -9.86 37.64
C LYS B 291 24.80 -9.43 36.94
N PRO B 292 24.26 -8.27 37.33
CA PRO B 292 23.03 -7.73 36.75
C PRO B 292 23.21 -7.04 35.41
N VAL B 293 22.15 -7.05 34.61
CA VAL B 293 22.15 -6.41 33.32
C VAL B 293 20.77 -5.82 33.08
N LEU B 294 20.73 -4.56 32.66
CA LEU B 294 19.48 -3.89 32.37
C LEU B 294 19.20 -4.03 30.88
N TYR B 295 18.13 -4.75 30.56
CA TYR B 295 17.71 -4.99 29.18
C TYR B 295 16.56 -4.02 28.93
N VAL B 296 16.91 -2.87 28.32
CA VAL B 296 15.96 -1.80 28.07
C VAL B 296 15.41 -1.68 26.65
N GLY B 297 14.10 -1.41 26.56
CA GLY B 297 13.45 -1.28 25.27
C GLY B 297 12.67 0.02 25.12
N ALA B 298 11.85 0.07 24.08
CA ALA B 298 11.03 1.25 23.77
C ALA B 298 10.08 1.67 24.89
N GLY B 299 9.73 0.73 25.77
CA GLY B 299 8.82 1.04 26.84
C GLY B 299 9.27 2.20 27.73
N ILE B 300 10.57 2.29 27.96
CA ILE B 300 11.14 3.35 28.79
C ILE B 300 10.97 4.72 28.17
N LEU B 301 10.81 4.77 26.84
CA LEU B 301 10.65 6.03 26.13
C LEU B 301 9.19 6.51 26.10
N ASN B 302 8.28 5.73 26.66
CA ASN B 302 6.87 6.11 26.67
C ASN B 302 6.50 7.00 27.85
N HIS B 303 7.50 7.46 28.58
CA HIS B 303 7.31 8.35 29.71
C HIS B 303 8.43 9.38 29.71
N ALA B 304 8.07 10.65 29.90
CA ALA B 304 9.06 11.73 29.90
C ALA B 304 10.21 11.53 30.89
N ASP B 305 9.93 10.88 32.02
CA ASP B 305 10.96 10.66 33.03
C ASP B 305 11.67 9.31 32.86
N GLY B 306 11.25 8.53 31.87
CA GLY B 306 11.85 7.23 31.64
C GLY B 306 13.36 7.20 31.64
N PRO B 307 14.00 7.85 30.66
CA PRO B 307 15.46 7.88 30.56
C PRO B 307 16.17 8.38 31.82
N ARG B 308 15.56 9.34 32.51
CA ARG B 308 16.14 9.90 33.71
C ARG B 308 16.17 8.87 34.85
N LEU B 309 15.04 8.22 35.08
CA LEU B 309 14.94 7.22 36.14
C LEU B 309 15.78 5.99 35.79
N LEU B 310 15.97 5.74 34.50
CA LEU B 310 16.76 4.61 34.04
C LEU B 310 18.22 4.85 34.44
N LYS B 311 18.68 6.07 34.21
CA LYS B 311 20.04 6.45 34.53
C LYS B 311 20.26 6.38 36.04
N GLU B 312 19.29 6.88 36.79
CA GLU B 312 19.37 6.87 38.25
C GLU B 312 19.60 5.45 38.74
N LEU B 313 18.73 4.54 38.34
CA LEU B 313 18.84 3.14 38.75
C LEU B 313 20.19 2.55 38.32
N SER B 314 20.59 2.85 37.08
CA SER B 314 21.85 2.34 36.57
C SER B 314 23.02 2.83 37.42
N ASP B 315 23.01 4.11 37.78
CA ASP B 315 24.06 4.67 38.62
C ASP B 315 23.98 4.12 40.04
N ARG B 316 22.82 4.28 40.66
CA ARG B 316 22.60 3.81 42.02
C ARG B 316 23.08 2.38 42.26
N ALA B 317 22.57 1.43 41.47
CA ALA B 317 22.95 0.04 41.61
C ALA B 317 24.12 -0.39 40.72
N GLN B 318 24.72 0.57 40.03
CA GLN B 318 25.83 0.28 39.13
C GLN B 318 25.54 -0.92 38.24
N ILE B 319 24.52 -0.79 37.38
CA ILE B 319 24.15 -1.88 36.49
C ILE B 319 24.39 -1.51 35.03
N PRO B 320 25.06 -2.40 34.27
CA PRO B 320 25.35 -2.14 32.85
C PRO B 320 24.03 -2.17 32.07
N VAL B 321 23.89 -1.25 31.12
CA VAL B 321 22.66 -1.18 30.33
C VAL B 321 22.80 -1.46 28.84
N THR B 322 21.98 -2.36 28.33
CA THR B 322 21.96 -2.69 26.92
C THR B 322 20.55 -2.38 26.42
N THR B 323 20.43 -1.84 25.22
CA THR B 323 19.12 -1.52 24.66
C THR B 323 18.84 -2.24 23.35
N THR B 324 17.55 -2.37 23.04
CA THR B 324 17.13 -2.98 21.80
C THR B 324 17.24 -1.88 20.75
N LEU B 325 16.93 -2.20 19.51
CA LEU B 325 16.97 -1.24 18.44
C LEU B 325 16.03 -0.07 18.74
N GLN B 326 14.87 -0.38 19.33
CA GLN B 326 13.88 0.63 19.66
C GLN B 326 14.14 1.34 20.99
N GLY B 327 15.16 0.89 21.70
CA GLY B 327 15.50 1.50 22.97
C GLY B 327 16.67 2.46 22.81
N LEU B 328 17.30 2.43 21.64
CA LEU B 328 18.43 3.31 21.36
C LEU B 328 18.04 4.77 21.61
N GLY B 329 18.90 5.48 22.35
CA GLY B 329 18.63 6.87 22.66
C GLY B 329 18.06 7.05 24.06
N SER B 330 17.70 5.96 24.72
CA SER B 330 17.13 6.04 26.06
C SER B 330 18.24 6.01 27.11
N PHE B 331 19.46 5.66 26.69
CA PHE B 331 20.59 5.60 27.60
C PHE B 331 21.81 6.22 26.90
N ASP B 332 22.55 7.05 27.63
CA ASP B 332 23.73 7.69 27.05
C ASP B 332 24.79 6.63 26.75
N GLN B 333 25.12 6.46 25.46
CA GLN B 333 26.11 5.47 25.09
C GLN B 333 27.55 5.92 25.40
N GLU B 334 27.67 7.15 25.89
CA GLU B 334 28.98 7.70 26.26
C GLU B 334 29.30 7.24 27.68
N ASP B 335 28.28 6.79 28.40
CA ASP B 335 28.45 6.32 29.77
C ASP B 335 29.13 4.96 29.78
N PRO B 336 30.13 4.78 30.66
CA PRO B 336 30.89 3.55 30.80
C PRO B 336 30.03 2.30 31.03
N LYS B 337 28.82 2.50 31.54
CA LYS B 337 27.92 1.37 31.81
C LYS B 337 27.12 0.93 30.58
N SER B 338 27.32 1.60 29.46
CA SER B 338 26.61 1.27 28.23
C SER B 338 27.19 0.02 27.55
N LEU B 339 26.33 -0.96 27.30
CA LEU B 339 26.75 -2.19 26.64
C LEU B 339 26.35 -2.12 25.17
N ASP B 340 25.68 -1.02 24.81
CA ASP B 340 25.21 -0.78 23.45
C ASP B 340 24.01 -1.69 23.13
N MET B 341 23.77 -1.96 21.85
CA MET B 341 22.63 -2.78 21.44
C MET B 341 22.92 -4.28 21.45
N LEU B 342 21.90 -5.07 21.79
CA LEU B 342 22.04 -6.52 21.82
C LEU B 342 21.18 -7.12 20.70
N GLY B 343 21.28 -8.43 20.51
CA GLY B 343 20.48 -9.08 19.49
C GLY B 343 21.21 -9.67 18.31
N MET B 344 20.45 -9.96 17.26
CA MET B 344 20.95 -10.55 16.02
C MET B 344 22.20 -9.84 15.50
N HIS B 345 22.16 -8.51 15.50
CA HIS B 345 23.29 -7.71 15.03
C HIS B 345 23.76 -6.77 16.12
N GLY B 346 23.54 -7.15 17.37
CA GLY B 346 23.96 -6.33 18.48
C GLY B 346 25.43 -6.50 18.83
N CYS B 347 25.93 -5.60 19.67
CA CYS B 347 27.32 -5.64 20.11
C CYS B 347 27.59 -6.97 20.82
N ALA B 348 28.74 -7.58 20.52
CA ALA B 348 29.10 -8.85 21.13
C ALA B 348 29.12 -8.77 22.65
N THR B 349 29.66 -7.67 23.18
CA THR B 349 29.74 -7.47 24.63
C THR B 349 28.34 -7.51 25.25
N ALA B 350 27.39 -6.88 24.58
CA ALA B 350 26.01 -6.84 25.06
C ALA B 350 25.43 -8.26 25.11
N ASN B 351 25.63 -9.02 24.05
CA ASN B 351 25.11 -10.38 23.99
C ASN B 351 25.77 -11.29 25.02
N LEU B 352 27.07 -11.14 25.19
CA LEU B 352 27.81 -11.95 26.16
C LEU B 352 27.35 -11.63 27.59
N ALA B 353 27.18 -10.35 27.88
CA ALA B 353 26.75 -9.92 29.19
C ALA B 353 25.38 -10.54 29.51
N VAL B 354 24.49 -10.56 28.53
CA VAL B 354 23.16 -11.11 28.72
C VAL B 354 23.20 -12.62 28.97
N GLN B 355 24.08 -13.32 28.26
CA GLN B 355 24.20 -14.76 28.41
C GLN B 355 24.89 -15.18 29.72
N ASN B 356 25.66 -14.26 30.30
CA ASN B 356 26.37 -14.55 31.54
C ASN B 356 25.77 -13.90 32.77
N ALA B 357 24.75 -13.07 32.58
CA ALA B 357 24.10 -12.39 33.69
C ALA B 357 23.32 -13.36 34.56
N ASP B 358 23.30 -13.09 35.86
CA ASP B 358 22.59 -13.94 36.80
C ASP B 358 21.19 -13.36 37.01
N LEU B 359 21.04 -12.10 36.60
CA LEU B 359 19.78 -11.40 36.72
C LEU B 359 19.59 -10.44 35.55
N ILE B 360 18.46 -10.57 34.87
CA ILE B 360 18.16 -9.70 33.74
C ILE B 360 16.97 -8.83 34.12
N ILE B 361 17.18 -7.53 34.08
CA ILE B 361 16.11 -6.59 34.43
C ILE B 361 15.55 -5.99 33.13
N ALA B 362 14.52 -6.64 32.60
CA ALA B 362 13.86 -6.23 31.36
C ALA B 362 12.93 -5.04 31.59
N VAL B 363 13.24 -3.91 30.95
CA VAL B 363 12.43 -2.70 31.10
C VAL B 363 11.88 -2.22 29.76
N GLY B 364 10.56 -2.36 29.58
CA GLY B 364 9.93 -1.94 28.35
C GLY B 364 10.47 -2.61 27.10
N ALA B 365 10.62 -3.94 27.15
CA ALA B 365 11.12 -4.73 26.04
C ALA B 365 10.28 -6.00 25.97
N ARG B 366 10.05 -6.52 24.77
CA ARG B 366 9.21 -7.72 24.64
C ARG B 366 9.89 -9.03 24.22
N PHE B 367 11.20 -9.10 24.32
CA PHE B 367 11.93 -10.31 23.94
C PHE B 367 11.55 -10.81 22.55
N ASP B 368 11.58 -9.94 21.54
CA ASP B 368 11.23 -10.37 20.19
C ASP B 368 12.30 -11.33 19.67
N ASP B 369 11.99 -12.03 18.58
CA ASP B 369 12.92 -13.01 18.02
C ASP B 369 14.18 -12.42 17.38
N ARG B 370 14.28 -11.09 17.32
CA ARG B 370 15.46 -10.45 16.76
C ARG B 370 16.45 -10.14 17.88
N VAL B 371 15.99 -10.29 19.12
CA VAL B 371 16.81 -10.00 20.29
C VAL B 371 17.27 -11.23 21.07
N THR B 372 16.34 -12.17 21.27
CA THR B 372 16.64 -13.38 22.04
C THR B 372 17.49 -14.45 21.38
N GLY B 373 17.50 -14.49 20.05
CA GLY B 373 18.26 -15.53 19.38
C GLY B 373 17.55 -16.84 19.67
N ASN B 374 18.26 -17.97 19.63
CA ASN B 374 17.66 -19.25 19.93
C ASN B 374 17.11 -19.17 21.37
N ILE B 375 15.78 -19.09 21.48
CA ILE B 375 15.13 -18.97 22.78
C ILE B 375 15.58 -19.94 23.87
N SER B 376 15.77 -21.21 23.52
CA SER B 376 16.19 -22.21 24.48
C SER B 376 17.61 -21.97 24.99
N LYS B 377 18.39 -21.17 24.26
CA LYS B 377 19.76 -20.86 24.65
C LYS B 377 19.86 -19.48 25.28
N PHE B 378 18.73 -18.78 25.34
CA PHE B 378 18.68 -17.44 25.89
C PHE B 378 18.92 -17.39 27.40
N ALA B 379 19.72 -16.41 27.82
CA ALA B 379 20.05 -16.21 29.24
C ALA B 379 20.24 -17.50 30.03
N PRO B 380 21.25 -18.31 29.65
CA PRO B 380 21.51 -19.57 30.34
C PRO B 380 21.89 -19.39 31.82
N GLU B 381 22.64 -18.34 32.13
CA GLU B 381 23.05 -18.07 33.50
C GLU B 381 21.93 -17.52 34.37
N ALA B 382 21.02 -16.77 33.74
CA ALA B 382 19.89 -16.21 34.48
C ALA B 382 18.96 -17.36 34.85
N ARG B 383 18.87 -18.34 33.97
CA ARG B 383 18.00 -19.50 34.21
C ARG B 383 18.56 -20.34 35.35
N ARG B 384 19.88 -20.45 35.42
CA ARG B 384 20.52 -21.22 36.47
C ARG B 384 20.37 -20.47 37.79
N ALA B 385 20.55 -19.16 37.75
CA ALA B 385 20.41 -18.33 38.94
C ALA B 385 18.98 -18.44 39.46
N ALA B 386 18.05 -18.67 38.53
CA ALA B 386 16.64 -18.81 38.87
C ALA B 386 16.38 -20.15 39.55
N ALA B 387 17.04 -21.19 39.05
CA ALA B 387 16.89 -22.54 39.61
C ALA B 387 17.45 -22.59 41.04
N GLU B 388 18.45 -21.75 41.30
CA GLU B 388 19.08 -21.69 42.61
C GLU B 388 18.49 -20.54 43.41
N GLY B 389 17.35 -20.03 42.96
CA GLY B 389 16.68 -18.93 43.65
C GLY B 389 17.59 -17.80 44.08
N ARG B 390 18.48 -17.38 43.19
CA ARG B 390 19.40 -16.29 43.49
C ARG B 390 19.44 -15.25 42.38
N GLY B 391 18.53 -15.38 41.42
CA GLY B 391 18.46 -14.46 40.31
C GLY B 391 17.39 -14.83 39.31
N GLY B 392 17.63 -14.53 38.04
CA GLY B 392 16.66 -14.86 37.01
C GLY B 392 16.28 -13.67 36.15
N ILE B 393 14.98 -13.46 35.96
CA ILE B 393 14.49 -12.37 35.14
C ILE B 393 13.34 -11.56 35.74
N ILE B 394 13.52 -10.25 35.80
CA ILE B 394 12.49 -9.33 36.31
C ILE B 394 11.96 -8.62 35.06
N HIS B 395 10.65 -8.52 34.92
CA HIS B 395 10.07 -7.89 33.76
C HIS B 395 9.06 -6.76 34.03
N PHE B 396 9.46 -5.52 33.69
CA PHE B 396 8.57 -4.37 33.86
C PHE B 396 7.79 -4.24 32.55
N GLU B 397 6.56 -4.76 32.54
CA GLU B 397 5.72 -4.75 31.34
C GLU B 397 4.33 -4.17 31.59
N VAL B 398 3.88 -3.30 30.69
CA VAL B 398 2.57 -2.67 30.82
C VAL B 398 1.45 -3.57 30.27
N SER B 399 1.80 -4.49 29.38
CA SER B 399 0.81 -5.39 28.79
C SER B 399 0.93 -6.80 29.33
N PRO B 400 -0.08 -7.26 30.10
CA PRO B 400 -0.09 -8.60 30.69
C PRO B 400 0.14 -9.68 29.64
N LYS B 401 -0.40 -9.47 28.45
CA LYS B 401 -0.26 -10.43 27.35
C LYS B 401 1.19 -10.66 26.96
N ASN B 402 2.06 -9.69 27.25
CA ASN B 402 3.47 -9.83 26.91
C ASN B 402 4.35 -10.32 28.05
N ILE B 403 3.71 -10.79 29.12
CA ILE B 403 4.45 -11.31 30.28
C ILE B 403 4.45 -12.83 30.23
N ASN B 404 5.64 -13.41 30.27
CA ASN B 404 5.81 -14.86 30.22
C ASN B 404 5.27 -15.41 28.90
N LYS B 405 5.32 -14.58 27.85
CA LYS B 405 4.86 -14.97 26.53
C LYS B 405 5.97 -15.68 25.76
N VAL B 406 7.21 -15.23 25.96
CA VAL B 406 8.36 -15.81 25.27
C VAL B 406 9.20 -16.66 26.22
N VAL B 407 9.55 -16.10 27.37
CA VAL B 407 10.35 -16.80 28.35
C VAL B 407 9.75 -16.61 29.75
N GLN B 408 9.82 -17.65 30.58
CA GLN B 408 9.28 -17.58 31.93
C GLN B 408 10.11 -16.64 32.79
N THR B 409 9.43 -15.70 33.45
CA THR B 409 10.12 -14.74 34.30
C THR B 409 9.85 -15.06 35.76
N GLN B 410 10.73 -14.61 36.65
CA GLN B 410 10.58 -14.86 38.06
C GLN B 410 9.72 -13.77 38.72
N ILE B 411 9.94 -12.53 38.33
CA ILE B 411 9.17 -11.43 38.87
C ILE B 411 8.59 -10.55 37.77
N ALA B 412 7.30 -10.27 37.87
CA ALA B 412 6.63 -9.43 36.88
C ALA B 412 6.04 -8.19 37.54
N VAL B 413 6.47 -7.02 37.07
CA VAL B 413 5.97 -5.75 37.58
C VAL B 413 5.10 -5.11 36.52
N GLU B 414 3.79 -5.26 36.65
CA GLU B 414 2.83 -4.70 35.70
C GLU B 414 2.66 -3.20 35.81
N GLY B 415 2.35 -2.56 34.69
CA GLY B 415 2.15 -1.13 34.68
C GLY B 415 3.25 -0.39 33.96
N ASP B 416 3.17 0.94 33.98
CA ASP B 416 4.18 1.78 33.35
C ASP B 416 5.53 1.53 34.01
N ALA B 417 6.55 1.28 33.20
CA ALA B 417 7.91 1.01 33.70
C ALA B 417 8.50 2.18 34.48
N THR B 418 8.47 3.36 33.88
CA THR B 418 9.01 4.54 34.52
C THR B 418 8.40 4.74 35.92
N THR B 419 7.08 4.67 35.97
CA THR B 419 6.35 4.84 37.23
C THR B 419 6.80 3.83 38.28
N ASN B 420 6.84 2.56 37.90
CA ASN B 420 7.24 1.51 38.83
C ASN B 420 8.71 1.58 39.22
N LEU B 421 9.55 2.17 38.37
CA LEU B 421 10.97 2.29 38.70
C LEU B 421 11.12 3.35 39.79
N GLY B 422 10.30 4.39 39.74
CA GLY B 422 10.36 5.44 40.74
C GLY B 422 9.96 4.93 42.11
N LYS B 423 9.00 4.02 42.14
CA LYS B 423 8.51 3.43 43.39
C LYS B 423 9.48 2.41 43.97
N MET B 424 10.34 1.87 43.13
CA MET B 424 11.30 0.86 43.57
C MET B 424 12.68 1.45 43.89
N MET B 425 12.92 2.65 43.41
CA MET B 425 14.21 3.30 43.60
C MET B 425 14.74 3.27 45.04
N SER B 426 13.93 3.74 45.98
CA SER B 426 14.31 3.78 47.39
C SER B 426 14.69 2.43 47.97
N LYS B 427 14.01 1.37 47.52
CA LYS B 427 14.27 0.03 48.02
C LYS B 427 15.58 -0.56 47.49
N ILE B 428 16.21 0.16 46.56
CA ILE B 428 17.45 -0.32 45.96
C ILE B 428 18.67 0.13 46.76
N PHE B 429 19.53 -0.83 47.11
CA PHE B 429 20.73 -0.55 47.86
C PHE B 429 21.79 0.04 46.94
N PRO B 430 22.36 1.20 47.31
CA PRO B 430 23.39 1.87 46.49
C PRO B 430 24.68 1.06 46.43
N VAL B 431 24.93 0.42 45.29
CA VAL B 431 26.13 -0.37 45.09
C VAL B 431 27.29 0.58 44.81
N LYS B 432 28.44 0.33 45.43
CA LYS B 432 29.59 1.20 45.22
C LYS B 432 30.46 0.78 44.05
N GLU B 433 30.54 -0.53 43.81
CA GLU B 433 31.35 -1.05 42.71
C GLU B 433 31.08 -2.51 42.42
N ARG B 434 31.44 -2.94 41.21
CA ARG B 434 31.28 -4.31 40.75
C ARG B 434 32.52 -4.64 39.91
N SER B 435 33.69 -4.53 40.55
CA SER B 435 34.97 -4.79 39.88
C SER B 435 35.03 -6.03 39.00
N GLU B 436 34.69 -7.18 39.56
CA GLU B 436 34.73 -8.42 38.80
C GLU B 436 33.84 -8.38 37.56
N TRP B 437 32.58 -7.98 37.75
CA TRP B 437 31.61 -7.90 36.65
C TRP B 437 32.08 -6.95 35.57
N PHE B 438 32.42 -5.72 35.96
CA PHE B 438 32.89 -4.72 35.02
C PHE B 438 34.22 -5.07 34.39
N ALA B 439 35.01 -5.89 35.06
CA ALA B 439 36.30 -6.29 34.54
C ALA B 439 36.08 -7.21 33.34
N GLN B 440 35.20 -8.19 33.52
CA GLN B 440 34.88 -9.13 32.46
C GLN B 440 34.26 -8.41 31.27
N ILE B 441 33.38 -7.46 31.56
CA ILE B 441 32.71 -6.70 30.52
C ILE B 441 33.70 -5.83 29.75
N ASN B 442 34.63 -5.20 30.45
CA ASN B 442 35.62 -4.35 29.81
C ASN B 442 36.56 -5.10 28.86
N LYS B 443 36.90 -6.34 29.18
CA LYS B 443 37.79 -7.08 28.31
C LYS B 443 37.04 -7.57 27.07
N TRP B 444 35.72 -7.70 27.18
CA TRP B 444 34.92 -8.12 26.04
C TRP B 444 34.86 -6.95 25.06
N LYS B 445 34.70 -5.75 25.61
CA LYS B 445 34.63 -4.54 24.78
C LYS B 445 35.93 -4.30 24.02
N LYS B 446 37.05 -4.66 24.63
CA LYS B 446 38.34 -4.47 23.99
C LYS B 446 38.58 -5.56 22.94
N GLU B 447 38.02 -6.74 23.17
CA GLU B 447 38.19 -7.85 22.25
C GLU B 447 37.13 -7.93 21.15
N TYR B 448 35.94 -7.41 21.42
CA TYR B 448 34.86 -7.48 20.45
C TYR B 448 34.22 -6.14 20.05
N PRO B 449 34.98 -5.26 19.40
CA PRO B 449 34.43 -3.97 18.98
C PRO B 449 33.77 -4.12 17.61
N TYR B 450 32.93 -3.15 17.22
CA TYR B 450 32.27 -3.18 15.92
C TYR B 450 33.30 -3.11 14.79
N ALA B 451 34.01 -4.20 14.56
CA ALA B 451 35.04 -4.25 13.53
C ALA B 451 34.46 -4.46 12.13
N TYR B 452 35.19 -3.97 11.13
CA TYR B 452 34.78 -4.09 9.74
C TYR B 452 35.96 -3.70 8.84
N MET B 453 35.91 -4.13 7.59
CA MET B 453 36.97 -3.82 6.63
C MET B 453 36.96 -2.33 6.30
N GLU B 454 37.92 -1.59 6.86
CA GLU B 454 38.01 -0.15 6.62
C GLU B 454 38.56 0.13 5.23
N GLU B 455 38.36 1.36 4.76
CA GLU B 455 38.82 1.76 3.43
C GLU B 455 40.32 1.61 3.25
N THR B 456 40.72 1.34 2.02
CA THR B 456 42.11 1.20 1.64
C THR B 456 42.29 2.09 0.42
N PRO B 457 43.54 2.50 0.12
CA PRO B 457 43.79 3.36 -1.04
C PRO B 457 43.23 2.80 -2.35
N GLY B 458 42.31 3.54 -2.97
CA GLY B 458 41.72 3.12 -4.22
C GLY B 458 40.43 2.33 -4.13
N SER B 459 40.07 1.89 -2.92
CA SER B 459 38.84 1.12 -2.73
C SER B 459 37.62 2.04 -2.62
N LYS B 460 36.43 1.45 -2.61
CA LYS B 460 35.22 2.22 -2.48
C LYS B 460 35.02 2.64 -1.04
N ILE B 461 34.12 3.60 -0.82
CA ILE B 461 33.82 4.08 0.51
C ILE B 461 33.08 2.96 1.26
N LYS B 462 33.38 2.80 2.54
CA LYS B 462 32.72 1.76 3.33
C LYS B 462 31.49 2.36 4.00
N PRO B 463 30.38 1.60 4.06
CA PRO B 463 29.13 2.07 4.66
C PRO B 463 29.29 2.50 6.12
N GLN B 464 29.94 1.64 6.90
CA GLN B 464 30.15 1.92 8.32
C GLN B 464 30.90 3.21 8.56
N THR B 465 31.85 3.52 7.68
CA THR B 465 32.65 4.74 7.80
C THR B 465 31.78 5.98 7.63
N VAL B 466 30.87 5.92 6.67
CA VAL B 466 29.97 7.04 6.41
C VAL B 466 29.14 7.38 7.65
N ILE B 467 28.66 6.34 8.32
CA ILE B 467 27.84 6.51 9.52
C ILE B 467 28.65 7.20 10.63
N LYS B 468 29.83 6.68 10.90
CA LYS B 468 30.68 7.24 11.94
C LYS B 468 30.99 8.70 11.65
N LYS B 469 31.39 8.98 10.42
CA LYS B 469 31.72 10.35 10.03
C LYS B 469 30.51 11.27 10.12
N LEU B 470 29.38 10.85 9.55
CA LEU B 470 28.18 11.66 9.59
C LEU B 470 27.74 11.90 11.04
N SER B 471 27.91 10.89 11.87
CA SER B 471 27.54 11.00 13.28
C SER B 471 28.25 12.19 13.93
N LYS B 472 29.55 12.30 13.67
CA LYS B 472 30.34 13.39 14.23
C LYS B 472 29.98 14.73 13.59
N VAL B 473 29.90 14.74 12.26
CA VAL B 473 29.56 15.94 11.53
C VAL B 473 28.22 16.51 11.98
N ALA B 474 27.25 15.62 12.22
CA ALA B 474 25.93 16.04 12.66
C ALA B 474 26.01 16.60 14.08
N ASN B 475 26.75 15.91 14.94
CA ASN B 475 26.91 16.34 16.32
C ASN B 475 27.57 17.71 16.42
N ASP B 476 28.58 17.95 15.59
CA ASP B 476 29.28 19.23 15.62
C ASP B 476 28.46 20.43 15.17
N THR B 477 27.19 20.20 14.83
CA THR B 477 26.34 21.31 14.41
C THR B 477 25.71 21.94 15.65
N GLY B 478 25.69 21.17 16.74
CA GLY B 478 25.12 21.65 17.98
C GLY B 478 23.60 21.63 18.03
N ARG B 479 22.99 21.29 16.90
CA ARG B 479 21.53 21.24 16.80
C ARG B 479 20.97 19.93 17.34
N HIS B 480 19.67 19.90 17.59
CA HIS B 480 19.02 18.68 18.03
C HIS B 480 18.94 17.81 16.77
N VAL B 481 19.39 16.57 16.87
CA VAL B 481 19.39 15.68 15.72
C VAL B 481 18.45 14.50 15.84
N ILE B 482 17.70 14.26 14.77
CA ILE B 482 16.77 13.13 14.71
C ILE B 482 17.13 12.31 13.49
N VAL B 483 17.26 11.00 13.68
CA VAL B 483 17.61 10.10 12.59
C VAL B 483 16.53 9.04 12.30
N THR B 484 16.17 8.94 11.03
CA THR B 484 15.22 7.93 10.57
C THR B 484 15.99 7.05 9.61
N THR B 485 15.46 5.88 9.30
CA THR B 485 16.15 4.98 8.38
C THR B 485 15.18 4.13 7.57
N GLY B 486 15.73 3.45 6.56
CA GLY B 486 14.93 2.55 5.76
C GLY B 486 15.09 1.21 6.46
N VAL B 487 15.06 0.12 5.71
CA VAL B 487 15.21 -1.19 6.30
C VAL B 487 16.29 -1.98 5.56
N GLY B 488 17.21 -2.55 6.31
CA GLY B 488 18.29 -3.31 5.73
C GLY B 488 19.60 -3.05 6.44
N GLN B 489 20.71 -3.35 5.76
CA GLN B 489 22.03 -3.15 6.33
C GLN B 489 22.30 -1.72 6.78
N HIS B 490 21.94 -0.74 5.95
CA HIS B 490 22.16 0.65 6.31
C HIS B 490 21.49 0.97 7.64
N GLN B 491 20.36 0.30 7.90
CA GLN B 491 19.62 0.50 9.13
C GLN B 491 20.39 -0.06 10.33
N MET B 492 20.96 -1.25 10.18
CA MET B 492 21.74 -1.88 11.23
C MET B 492 23.03 -1.11 11.50
N TRP B 493 23.69 -0.68 10.43
CA TRP B 493 24.94 0.06 10.57
C TRP B 493 24.69 1.41 11.23
N ALA B 494 23.54 2.00 10.94
CA ALA B 494 23.18 3.29 11.53
C ALA B 494 23.00 3.09 13.03
N ALA B 495 22.36 1.99 13.40
CA ALA B 495 22.12 1.67 14.80
C ALA B 495 23.42 1.41 15.55
N GLN B 496 24.33 0.66 14.95
CA GLN B 496 25.60 0.33 15.59
C GLN B 496 26.63 1.44 15.69
N HIS B 497 26.94 2.06 14.56
CA HIS B 497 27.97 3.09 14.49
C HIS B 497 27.63 4.54 14.81
N TRP B 498 26.40 4.80 15.26
CA TRP B 498 26.01 6.16 15.61
C TRP B 498 26.11 6.21 17.13
N THR B 499 26.42 7.39 17.68
CA THR B 499 26.51 7.52 19.14
C THR B 499 25.20 8.07 19.68
N TRP B 500 24.35 7.18 20.18
CA TRP B 500 23.05 7.58 20.71
C TRP B 500 23.15 8.12 22.13
N ARG B 501 22.55 9.28 22.36
CA ARG B 501 22.59 9.91 23.67
C ARG B 501 21.27 10.58 24.08
N ASN B 502 20.44 10.90 23.10
CA ASN B 502 19.18 11.57 23.39
C ASN B 502 17.94 10.74 23.07
N PRO B 503 16.89 10.85 23.91
CA PRO B 503 15.64 10.12 23.73
C PRO B 503 14.85 10.63 22.54
N HIS B 504 14.14 9.73 21.87
CA HIS B 504 13.31 10.10 20.72
C HIS B 504 14.11 10.72 19.57
N THR B 505 15.30 10.18 19.31
CA THR B 505 16.12 10.70 18.22
C THR B 505 16.41 9.62 17.17
N PHE B 506 15.93 8.40 17.41
CA PHE B 506 16.12 7.32 16.46
C PHE B 506 14.74 6.76 16.12
N ILE B 507 14.30 7.00 14.89
CA ILE B 507 12.99 6.56 14.43
C ILE B 507 13.15 5.56 13.29
N THR B 508 13.00 4.28 13.63
CA THR B 508 13.17 3.21 12.65
C THR B 508 12.08 2.13 12.78
N SER B 509 11.80 1.45 11.67
CA SER B 509 10.79 0.39 11.64
C SER B 509 11.43 -0.93 12.04
N GLY B 510 11.10 -1.42 13.23
CA GLY B 510 11.70 -2.66 13.71
C GLY B 510 10.84 -3.90 13.70
N GLY B 511 9.64 -3.81 14.24
CA GLY B 511 8.76 -4.96 14.28
C GLY B 511 8.36 -5.49 12.92
N LEU B 512 7.75 -4.65 12.10
CA LEU B 512 7.32 -5.05 10.76
C LEU B 512 8.48 -4.88 9.78
N GLY B 513 9.35 -3.90 10.05
CA GLY B 513 10.49 -3.67 9.16
C GLY B 513 10.05 -3.26 7.77
N THR B 514 9.38 -2.12 7.68
CA THR B 514 8.87 -1.61 6.41
C THR B 514 9.84 -0.77 5.58
N MET B 515 10.30 -1.32 4.47
CA MET B 515 11.19 -0.58 3.59
C MET B 515 10.40 0.63 3.07
N GLY B 516 11.05 1.77 2.91
CA GLY B 516 10.36 2.96 2.43
C GLY B 516 9.91 3.86 3.57
N TYR B 517 10.14 3.39 4.79
CA TYR B 517 9.76 4.11 6.00
C TYR B 517 10.55 5.40 6.17
N GLY B 518 11.85 5.32 5.86
CA GLY B 518 12.77 6.45 6.01
C GLY B 518 12.33 7.86 5.69
N LEU B 519 12.07 8.13 4.41
CA LEU B 519 11.67 9.46 3.96
C LEU B 519 10.37 9.99 4.59
N PRO B 520 9.26 9.24 4.46
CA PRO B 520 8.03 9.76 5.05
C PRO B 520 8.11 9.95 6.57
N ALA B 521 8.82 9.06 7.25
CA ALA B 521 8.96 9.19 8.70
C ALA B 521 9.75 10.45 9.03
N ALA B 522 10.82 10.69 8.27
CA ALA B 522 11.65 11.88 8.47
C ALA B 522 10.80 13.13 8.31
N ILE B 523 10.01 13.18 7.24
CA ILE B 523 9.14 14.32 6.98
C ILE B 523 8.20 14.54 8.15
N GLY B 524 7.67 13.44 8.70
CA GLY B 524 6.77 13.55 9.82
C GLY B 524 7.50 14.04 11.07
N ALA B 525 8.71 13.55 11.28
CA ALA B 525 9.51 13.95 12.43
C ALA B 525 9.85 15.43 12.32
N GLN B 526 10.21 15.88 11.12
CA GLN B 526 10.57 17.28 10.90
C GLN B 526 9.40 18.19 11.24
N VAL B 527 8.19 17.72 10.96
CA VAL B 527 7.00 18.51 11.25
C VAL B 527 6.82 18.60 12.77
N ALA B 528 7.10 17.48 13.45
CA ALA B 528 6.98 17.44 14.90
C ALA B 528 8.04 18.33 15.57
N LYS B 529 9.23 18.37 14.98
CA LYS B 529 10.33 19.17 15.51
C LYS B 529 10.90 20.06 14.41
N PRO B 530 10.24 21.18 14.13
CA PRO B 530 10.68 22.12 13.08
C PRO B 530 12.13 22.58 13.19
N GLU B 531 12.62 22.72 14.41
CA GLU B 531 13.98 23.19 14.65
C GLU B 531 15.07 22.13 14.56
N SER B 532 14.68 20.86 14.66
CA SER B 532 15.66 19.78 14.61
C SER B 532 16.23 19.50 13.23
N LEU B 533 17.43 18.91 13.23
CA LEU B 533 18.09 18.50 12.00
C LEU B 533 17.64 17.05 11.85
N VAL B 534 16.80 16.80 10.85
CA VAL B 534 16.29 15.44 10.62
C VAL B 534 17.03 14.78 9.48
N ILE B 535 17.65 13.64 9.78
CA ILE B 535 18.41 12.91 8.79
C ILE B 535 17.83 11.52 8.55
N ASP B 536 17.63 11.18 7.28
CA ASP B 536 17.13 9.88 6.91
C ASP B 536 18.27 9.08 6.31
N ILE B 537 18.75 8.09 7.05
CA ILE B 537 19.81 7.23 6.56
C ILE B 537 19.07 6.10 5.87
N ASP B 538 19.10 6.11 4.55
CA ASP B 538 18.37 5.14 3.74
C ASP B 538 19.20 4.20 2.88
N GLY B 539 18.52 3.20 2.33
CA GLY B 539 19.13 2.24 1.43
C GLY B 539 18.56 2.56 0.05
N ASP B 540 19.25 2.19 -1.01
CA ASP B 540 18.74 2.47 -2.35
C ASP B 540 17.42 1.75 -2.61
N ALA B 541 17.33 0.46 -2.29
CA ALA B 541 16.08 -0.27 -2.52
C ALA B 541 14.95 0.33 -1.68
N SER B 542 15.21 0.57 -0.39
CA SER B 542 14.20 1.14 0.50
C SER B 542 13.71 2.51 0.01
N PHE B 543 14.65 3.35 -0.42
CA PHE B 543 14.31 4.67 -0.89
C PHE B 543 13.36 4.59 -2.09
N ASN B 544 13.61 3.66 -3.00
CA ASN B 544 12.78 3.48 -4.19
C ASN B 544 11.31 3.20 -3.87
N MET B 545 11.04 2.60 -2.72
CA MET B 545 9.67 2.28 -2.33
C MET B 545 8.75 3.49 -2.22
N THR B 546 9.23 4.56 -1.60
CA THR B 546 8.41 5.74 -1.38
C THR B 546 9.05 7.05 -1.81
N LEU B 547 9.97 7.02 -2.78
CA LEU B 547 10.65 8.23 -3.21
C LEU B 547 9.76 9.34 -3.76
N THR B 548 8.50 9.03 -4.07
CA THR B 548 7.60 10.05 -4.60
C THR B 548 7.30 11.12 -3.55
N GLU B 549 7.54 10.78 -2.28
CA GLU B 549 7.28 11.73 -1.21
C GLU B 549 8.34 12.84 -1.13
N LEU B 550 9.30 12.82 -2.05
CA LEU B 550 10.31 13.88 -2.08
C LEU B 550 9.61 15.21 -2.33
N SER B 551 8.68 15.21 -3.27
CA SER B 551 7.95 16.44 -3.61
C SER B 551 7.08 16.89 -2.44
N SER B 552 6.70 15.94 -1.59
CA SER B 552 5.87 16.24 -0.42
C SER B 552 6.69 17.01 0.61
N ALA B 553 7.96 16.67 0.72
CA ALA B 553 8.86 17.33 1.65
C ALA B 553 8.98 18.80 1.26
N VAL B 554 9.08 19.06 -0.05
CA VAL B 554 9.20 20.41 -0.55
C VAL B 554 7.92 21.20 -0.29
N GLN B 555 6.77 20.56 -0.51
CA GLN B 555 5.50 21.23 -0.31
C GLN B 555 5.20 21.45 1.18
N ALA B 556 5.66 20.53 2.01
CA ALA B 556 5.42 20.64 3.46
C ALA B 556 6.41 21.61 4.12
N GLY B 557 7.46 21.99 3.41
CA GLY B 557 8.45 22.89 3.97
C GLY B 557 9.34 22.20 4.99
N THR B 558 9.56 20.90 4.81
CA THR B 558 10.40 20.13 5.73
C THR B 558 11.78 19.94 5.13
N PRO B 559 12.80 20.66 5.66
CA PRO B 559 14.18 20.57 5.17
C PRO B 559 14.92 19.30 5.57
N VAL B 560 14.31 18.15 5.30
CA VAL B 560 14.93 16.86 5.65
C VAL B 560 16.23 16.61 4.88
N LYS B 561 17.15 15.91 5.51
CA LYS B 561 18.43 15.57 4.88
C LYS B 561 18.36 14.08 4.54
N ILE B 562 18.30 13.78 3.25
CA ILE B 562 18.22 12.39 2.82
C ILE B 562 19.55 11.82 2.40
N LEU B 563 20.01 10.82 3.15
CA LEU B 563 21.26 10.17 2.85
C LEU B 563 20.97 8.78 2.27
N ILE B 564 21.55 8.49 1.12
CA ILE B 564 21.36 7.20 0.49
C ILE B 564 22.69 6.46 0.39
N LEU B 565 22.80 5.37 1.14
CA LEU B 565 24.00 4.55 1.10
C LEU B 565 23.72 3.60 -0.06
N ASN B 566 24.19 3.97 -1.24
CA ASN B 566 23.94 3.18 -2.43
C ASN B 566 24.93 2.06 -2.69
N ASN B 567 24.45 0.83 -2.51
CA ASN B 567 25.27 -0.36 -2.77
C ASN B 567 24.63 -1.09 -3.96
N GLU B 568 23.67 -0.42 -4.59
CA GLU B 568 22.96 -0.96 -5.75
C GLU B 568 22.51 -2.39 -5.53
N GLU B 569 21.83 -2.64 -4.42
CA GLU B 569 21.38 -3.97 -4.11
C GLU B 569 20.52 -3.97 -2.85
N GLN B 570 19.82 -5.08 -2.62
CA GLN B 570 19.01 -5.24 -1.42
C GLN B 570 19.97 -5.90 -0.45
N GLY B 571 20.92 -5.10 0.04
CA GLY B 571 21.94 -5.58 0.96
C GLY B 571 21.63 -6.65 1.98
N MET B 572 20.61 -6.43 2.78
CA MET B 572 20.27 -7.41 3.81
C MET B 572 19.85 -8.76 3.26
N VAL B 573 19.19 -8.75 2.10
CA VAL B 573 18.74 -9.99 1.49
C VAL B 573 19.91 -10.71 0.82
N THR B 574 20.79 -9.96 0.16
CA THR B 574 21.93 -10.58 -0.50
C THR B 574 22.88 -11.15 0.54
N GLN B 575 22.89 -10.59 1.74
CA GLN B 575 23.74 -11.08 2.81
C GLN B 575 23.25 -12.48 3.21
N TRP B 576 21.93 -12.61 3.38
CA TRP B 576 21.34 -13.89 3.74
C TRP B 576 21.51 -14.88 2.61
N GLN B 577 21.44 -14.39 1.37
CA GLN B 577 21.63 -15.25 0.22
C GLN B 577 23.07 -15.74 0.16
N SER B 578 24.00 -14.85 0.49
CA SER B 578 25.43 -15.20 0.49
C SER B 578 25.69 -16.26 1.56
N LEU B 579 25.11 -16.05 2.74
CA LEU B 579 25.30 -16.95 3.86
C LEU B 579 24.54 -18.27 3.81
N PHE B 580 23.25 -18.23 3.51
CA PHE B 580 22.44 -19.44 3.49
C PHE B 580 22.09 -20.04 2.13
N TYR B 581 22.19 -19.27 1.06
CA TYR B 581 21.85 -19.81 -0.26
C TYR B 581 22.98 -19.80 -1.28
N GLU B 582 24.19 -20.09 -0.80
CA GLU B 582 25.40 -20.16 -1.59
C GLU B 582 25.53 -19.09 -2.68
N HIS B 583 25.43 -17.81 -2.27
CA HIS B 583 25.55 -16.69 -3.20
C HIS B 583 24.64 -16.68 -4.44
N ARG B 584 23.44 -17.24 -4.30
CA ARG B 584 22.49 -17.25 -5.40
C ARG B 584 21.62 -16.01 -5.21
N TYR B 585 22.01 -14.92 -5.87
CA TYR B 585 21.30 -13.65 -5.76
C TYR B 585 20.10 -13.61 -6.68
N SER B 586 18.98 -14.08 -6.16
CA SER B 586 17.74 -14.15 -6.91
C SER B 586 16.88 -12.88 -6.81
N HIS B 587 16.93 -12.07 -7.87
CA HIS B 587 16.13 -10.84 -7.95
C HIS B 587 16.32 -9.83 -6.82
N THR B 588 17.56 -9.71 -6.33
CA THR B 588 17.86 -8.78 -5.27
C THR B 588 18.65 -7.57 -5.77
N HIS B 589 18.64 -7.36 -7.08
CA HIS B 589 19.35 -6.24 -7.71
C HIS B 589 18.42 -5.43 -8.61
N GLN B 590 17.88 -4.35 -8.07
CA GLN B 590 16.99 -3.49 -8.84
C GLN B 590 17.75 -2.37 -9.55
N LEU B 591 17.25 -1.98 -10.71
CA LEU B 591 17.85 -0.91 -11.49
C LEU B 591 17.44 0.42 -10.86
N ASN B 592 18.43 1.20 -10.44
CA ASN B 592 18.17 2.48 -9.79
C ASN B 592 18.09 3.67 -10.75
N PRO B 593 17.28 4.67 -10.38
CA PRO B 593 17.18 5.85 -11.23
C PRO B 593 18.38 6.73 -10.86
N ASP B 594 18.57 7.85 -11.53
CA ASP B 594 19.65 8.75 -11.19
C ASP B 594 19.12 9.53 -10.00
N PHE B 595 19.62 9.24 -8.81
CA PHE B 595 19.15 9.89 -7.59
C PHE B 595 19.31 11.41 -7.53
N ILE B 596 20.40 11.92 -8.09
CA ILE B 596 20.64 13.37 -8.07
C ILE B 596 19.67 14.06 -9.01
N LYS B 597 19.53 13.55 -10.23
CA LYS B 597 18.59 14.15 -11.18
C LYS B 597 17.17 14.02 -10.63
N LEU B 598 16.91 12.93 -9.91
CA LEU B 598 15.60 12.71 -9.32
C LEU B 598 15.32 13.78 -8.27
N ALA B 599 16.29 13.98 -7.39
CA ALA B 599 16.17 14.98 -6.32
C ALA B 599 15.87 16.34 -6.93
N GLU B 600 16.63 16.69 -7.97
CA GLU B 600 16.45 17.97 -8.64
C GLU B 600 15.06 18.04 -9.29
N ALA B 601 14.64 16.95 -9.91
CA ALA B 601 13.33 16.92 -10.54
C ALA B 601 12.23 17.11 -9.49
N MET B 602 12.50 16.66 -8.28
CA MET B 602 11.54 16.77 -7.19
C MET B 602 11.59 18.12 -6.48
N GLY B 603 12.55 18.97 -6.86
CA GLY B 603 12.62 20.28 -6.25
C GLY B 603 13.60 20.48 -5.10
N LEU B 604 14.55 19.57 -4.91
CA LEU B 604 15.52 19.75 -3.84
C LEU B 604 16.94 19.57 -4.36
N LYS B 605 17.92 19.96 -3.57
CA LYS B 605 19.31 19.83 -3.98
C LYS B 605 19.80 18.39 -3.90
N GLY B 606 20.64 18.00 -4.87
CA GLY B 606 21.18 16.67 -4.89
C GLY B 606 22.69 16.65 -4.95
N LEU B 607 23.30 15.81 -4.13
CA LEU B 607 24.76 15.69 -4.07
C LEU B 607 25.13 14.22 -4.18
N ARG B 608 26.29 13.95 -4.74
CA ARG B 608 26.78 12.58 -4.89
C ARG B 608 28.26 12.50 -4.52
N VAL B 609 28.65 11.37 -3.91
CA VAL B 609 30.05 11.17 -3.52
C VAL B 609 30.50 9.78 -3.95
N LYS B 610 31.66 9.72 -4.60
CA LYS B 610 32.21 8.44 -5.07
C LYS B 610 33.59 8.20 -4.47
N LYS B 611 34.36 9.27 -4.37
CA LYS B 611 35.73 9.20 -3.85
C LYS B 611 35.83 9.45 -2.36
N GLN B 612 36.74 8.70 -1.72
CA GLN B 612 36.97 8.84 -0.29
C GLN B 612 37.39 10.25 0.06
N GLU B 613 38.14 10.88 -0.84
CA GLU B 613 38.66 12.23 -0.62
C GLU B 613 37.59 13.31 -0.49
N GLU B 614 36.45 13.11 -1.15
CA GLU B 614 35.38 14.09 -1.11
C GLU B 614 34.31 13.85 -0.05
N LEU B 615 34.36 12.69 0.59
CA LEU B 615 33.37 12.35 1.61
C LEU B 615 33.16 13.38 2.71
N ASP B 616 34.23 13.78 3.38
CA ASP B 616 34.12 14.76 4.46
C ASP B 616 33.52 16.10 4.04
N ALA B 617 33.99 16.64 2.92
CA ALA B 617 33.47 17.92 2.43
C ALA B 617 32.01 17.81 2.03
N LYS B 618 31.65 16.69 1.41
CA LYS B 618 30.29 16.47 0.97
C LYS B 618 29.33 16.34 2.16
N LEU B 619 29.76 15.61 3.19
CA LEU B 619 28.92 15.44 4.37
C LEU B 619 28.66 16.76 5.06
N LYS B 620 29.66 17.65 5.02
CA LYS B 620 29.51 18.96 5.65
C LYS B 620 28.53 19.83 4.87
N GLU B 621 28.68 19.85 3.55
CA GLU B 621 27.78 20.62 2.71
C GLU B 621 26.36 20.07 2.87
N PHE B 622 26.29 18.75 3.01
CA PHE B 622 25.01 18.04 3.17
C PHE B 622 24.21 18.56 4.36
N VAL B 623 24.77 18.48 5.57
CA VAL B 623 24.06 18.94 6.76
C VAL B 623 23.94 20.46 6.84
N SER B 624 24.79 21.17 6.10
CA SER B 624 24.77 22.63 6.12
C SER B 624 23.75 23.25 5.18
N THR B 625 23.25 22.46 4.23
CA THR B 625 22.27 22.97 3.27
C THR B 625 21.02 23.43 4.00
N LYS B 626 20.50 24.59 3.59
CA LYS B 626 19.31 25.15 4.21
C LYS B 626 18.07 24.30 4.03
N GLY B 627 17.61 24.17 2.80
CA GLY B 627 16.40 23.39 2.53
C GLY B 627 16.61 21.88 2.48
N PRO B 628 15.63 21.13 1.93
CA PRO B 628 15.72 19.67 1.83
C PRO B 628 16.80 19.31 0.83
N VAL B 629 17.60 18.31 1.15
CA VAL B 629 18.70 17.92 0.28
C VAL B 629 18.91 16.41 0.29
N LEU B 630 19.37 15.87 -0.83
CA LEU B 630 19.63 14.45 -0.94
C LEU B 630 21.10 14.24 -1.28
N LEU B 631 21.73 13.34 -0.55
CA LEU B 631 23.13 13.01 -0.78
C LEU B 631 23.27 11.51 -0.99
N GLU B 632 23.80 11.13 -2.15
CA GLU B 632 24.00 9.73 -2.47
C GLU B 632 25.47 9.40 -2.29
N VAL B 633 25.76 8.38 -1.49
CA VAL B 633 27.13 7.95 -1.28
C VAL B 633 27.29 6.55 -1.85
N GLU B 634 28.11 6.42 -2.88
CA GLU B 634 28.38 5.11 -3.46
C GLU B 634 29.24 4.34 -2.47
N VAL B 635 28.71 3.24 -1.95
CA VAL B 635 29.46 2.46 -0.98
C VAL B 635 29.79 1.07 -1.52
N ASP B 636 30.66 0.36 -0.81
CA ASP B 636 31.06 -0.97 -1.24
C ASP B 636 29.89 -1.95 -1.21
N LYS B 637 29.90 -2.87 -2.16
CA LYS B 637 28.83 -3.85 -2.28
C LYS B 637 29.14 -5.18 -1.59
N LYS B 638 28.08 -5.94 -1.33
CA LYS B 638 28.20 -7.25 -0.68
C LYS B 638 28.97 -7.21 0.64
N VAL B 639 28.78 -6.14 1.40
CA VAL B 639 29.44 -5.99 2.69
C VAL B 639 28.47 -6.48 3.77
N PRO B 640 28.84 -7.53 4.51
CA PRO B 640 27.98 -8.09 5.56
C PRO B 640 27.95 -7.30 6.86
N VAL B 641 26.78 -7.31 7.51
CA VAL B 641 26.58 -6.65 8.79
C VAL B 641 26.99 -7.64 9.87
N LEU B 642 27.99 -7.28 10.67
CA LEU B 642 28.47 -8.14 11.74
C LEU B 642 28.60 -7.33 13.04
N PRO B 643 28.58 -8.02 14.19
CA PRO B 643 28.46 -9.48 14.31
C PRO B 643 27.06 -9.94 13.94
N MET B 644 26.85 -11.26 13.93
CA MET B 644 25.54 -11.78 13.57
C MET B 644 25.16 -13.08 14.26
N VAL B 645 23.92 -13.13 14.75
CA VAL B 645 23.38 -14.31 15.42
C VAL B 645 22.11 -14.71 14.66
N ALA B 646 22.19 -15.81 13.93
CA ALA B 646 21.03 -16.28 13.16
C ALA B 646 20.88 -17.79 13.25
N GLY B 647 19.68 -18.26 12.95
CA GLY B 647 19.40 -19.69 12.99
C GLY B 647 19.17 -20.21 14.39
N GLY B 648 19.89 -21.28 14.75
CA GLY B 648 19.74 -21.85 16.08
C GLY B 648 20.85 -21.44 17.03
N SER B 649 21.65 -20.46 16.61
CA SER B 649 22.75 -19.98 17.44
C SER B 649 22.25 -19.21 18.65
N GLY B 650 23.06 -19.20 19.70
CA GLY B 650 22.71 -18.46 20.90
C GLY B 650 23.34 -17.10 20.77
N LEU B 651 22.97 -16.15 21.63
CA LEU B 651 23.53 -14.81 21.56
C LEU B 651 25.04 -14.81 21.70
N ASP B 652 25.58 -15.88 22.28
CA ASP B 652 27.03 -15.99 22.47
C ASP B 652 27.72 -16.75 21.33
N GLU B 653 26.91 -17.30 20.42
CA GLU B 653 27.43 -18.06 19.27
C GLU B 653 27.34 -17.20 18.01
N PHE B 654 27.78 -15.95 18.13
CA PHE B 654 27.74 -14.99 17.02
C PHE B 654 28.90 -15.12 16.04
N ILE B 655 28.70 -14.56 14.85
CA ILE B 655 29.73 -14.57 13.81
C ILE B 655 30.44 -13.22 13.91
N ASN B 656 31.72 -13.26 14.25
CA ASN B 656 32.51 -12.04 14.40
C ASN B 656 33.21 -11.68 13.10
N PHE B 657 33.56 -10.41 12.94
CA PHE B 657 34.24 -9.94 11.75
C PHE B 657 35.67 -10.48 11.68
N ASP B 658 36.13 -10.75 10.46
CA ASP B 658 37.48 -11.26 10.23
C ASP B 658 37.89 -10.81 8.83
N PRO B 659 38.92 -9.95 8.74
CA PRO B 659 39.40 -9.45 7.45
C PRO B 659 39.80 -10.54 6.46
N GLU B 660 40.45 -11.59 6.94
CA GLU B 660 40.87 -12.68 6.07
C GLU B 660 39.68 -13.46 5.53
N VAL B 661 38.66 -13.64 6.37
CA VAL B 661 37.46 -14.36 5.96
C VAL B 661 36.69 -13.58 4.90
N GLU B 662 36.66 -12.26 5.03
CA GLU B 662 35.95 -11.44 4.05
C GLU B 662 36.59 -11.57 2.68
N ARG B 663 37.92 -11.61 2.65
CA ARG B 663 38.62 -11.74 1.38
C ARG B 663 38.33 -13.10 0.75
N GLN B 664 38.25 -14.14 1.59
CA GLN B 664 37.97 -15.49 1.12
C GLN B 664 36.54 -15.57 0.58
N GLN B 665 35.63 -14.85 1.22
CA GLN B 665 34.24 -14.82 0.80
C GLN B 665 34.11 -14.08 -0.52
N THR B 666 34.90 -13.02 -0.69
CA THR B 666 34.86 -12.24 -1.92
C THR B 666 35.27 -13.11 -3.11
N GLU B 667 36.34 -13.87 -2.94
CA GLU B 667 36.82 -14.74 -4.00
C GLU B 667 35.78 -15.81 -4.31
N LEU B 668 35.17 -16.35 -3.27
CA LEU B 668 34.15 -17.38 -3.44
C LEU B 668 32.95 -16.81 -4.18
N ARG B 669 32.55 -15.60 -3.81
CA ARG B 669 31.42 -14.95 -4.44
C ARG B 669 31.68 -14.73 -5.93
N HIS B 670 32.87 -14.23 -6.26
CA HIS B 670 33.25 -14.00 -7.65
C HIS B 670 33.17 -15.28 -8.46
N LYS B 671 33.84 -16.33 -7.98
CA LYS B 671 33.84 -17.61 -8.67
C LYS B 671 32.44 -18.22 -8.82
N ARG B 672 31.55 -17.96 -7.88
CA ARG B 672 30.19 -18.50 -7.95
C ARG B 672 29.25 -17.68 -8.82
N THR B 673 29.56 -16.41 -9.00
CA THR B 673 28.71 -15.53 -9.81
C THR B 673 29.35 -15.20 -11.15
N GLY B 674 30.44 -15.89 -11.48
CA GLY B 674 31.12 -15.63 -12.73
C GLY B 674 31.63 -14.21 -12.85
N GLY B 675 32.10 -13.67 -11.74
CA GLY B 675 32.63 -12.31 -11.72
C GLY B 675 31.58 -11.21 -11.73
N LYS B 676 30.31 -11.60 -11.70
CA LYS B 676 29.22 -10.63 -11.70
C LYS B 676 29.13 -9.87 -10.38
N HIS B 677 29.44 -10.55 -9.28
CA HIS B 677 29.39 -9.95 -7.95
C HIS B 677 30.57 -10.36 -7.08
K K C . -16.40 6.63 -27.49
MG MG D . -5.21 15.99 -12.30
C4 1SM E . -23.18 5.56 -3.57
C5 1SM E . -22.10 4.68 -3.38
C6 1SM E . -20.85 5.18 -2.96
C1 1SM E . -20.62 6.57 -2.73
C2 1SM E . -21.73 7.46 -2.93
C3 1SM E . -23.00 6.95 -3.34
S7 1SM E . -21.96 9.19 -2.79
N8 1SM E . -20.47 9.98 -3.12
C9 1SM E . -19.87 9.91 -4.31
N10 1SM E . -18.74 10.58 -4.49
C2' 1SM E . -17.81 10.81 -5.39
N1' 1SM E . -16.69 11.67 -5.15
C6' 1SM E . -15.74 11.86 -6.21
C5' 1SM E . -15.86 11.21 -7.53
C4' 1SM E . -17.05 10.34 -7.69
N3' 1SM E . -18.00 10.16 -6.64
O7A 1SM E . -23.08 9.75 -3.96
O7B 1SM E . -22.13 9.64 -1.15
O9 1SM E . -20.37 9.23 -5.24
C11 1SM E . -19.33 7.15 -2.30
O12 1SM E . -18.26 7.23 -3.27
C13 1SM E . -17.00 7.79 -2.86
O11 1SM E . -19.20 7.55 -1.13
C8' 1SM E . -17.24 9.66 -8.97
C7' 1SM E . -14.59 12.73 -5.96
PA FAD F . -17.91 -5.71 -13.33
O1A FAD F . -16.65 -6.49 -13.45
O2A FAD F . -18.01 -4.76 -12.24
O5B FAD F . -19.12 -6.59 -13.18
C5B FAD F . -19.27 -7.68 -14.16
C4B FAD F . -20.52 -8.44 -13.84
O4B FAD F . -20.51 -9.47 -14.84
C3B FAD F . -20.67 -9.25 -12.46
O3B FAD F . -21.96 -9.31 -11.90
C2B FAD F . -20.01 -10.53 -12.80
O2B FAD F . -19.95 -11.57 -11.90
C1B FAD F . -20.62 -10.73 -14.20
N9A FAD F . -19.88 -11.74 -15.07
C8A FAD F . -18.42 -11.86 -14.99
N7A FAD F . -17.89 -12.75 -15.76
C5A FAD F . -18.93 -13.33 -16.40
C6A FAD F . -19.16 -14.44 -17.46
N6A FAD F . -18.16 -15.11 -17.95
N1A FAD F . -20.51 -14.74 -17.90
C2A FAD F . -21.66 -14.02 -17.37
N3A FAD F . -21.56 -13.00 -16.42
C4A FAD F . -20.20 -12.68 -15.97
N1 FAD F . -19.01 2.88 -15.14
C2 FAD F . -19.93 3.15 -16.07
O2 FAD F . -20.31 2.22 -16.77
N3 FAD F . -20.38 4.46 -16.32
C4 FAD F . -19.86 5.57 -15.63
O4 FAD F . -20.32 6.71 -15.77
C4X FAD F . -18.77 5.31 -14.66
N5 FAD F . -18.18 6.36 -14.00
C5X FAD F . -17.15 6.07 -13.13
C6 FAD F . -16.42 7.19 -12.58
C7 FAD F . -15.24 6.97 -11.83
C7M FAD F . -14.43 8.18 -11.44
C8 FAD F . -14.79 5.60 -11.55
C8M FAD F . -13.48 5.27 -10.85
C9 FAD F . -15.56 4.50 -12.01
C9A FAD F . -16.71 4.69 -12.85
N10 FAD F . -17.42 3.62 -13.44
C10 FAD F . -18.40 3.90 -14.42
C1' FAD F . -16.90 2.21 -13.32
C2' FAD F . -17.81 1.58 -12.35
O2' FAD F . -17.48 1.85 -10.98
C3' FAD F . -17.91 0.04 -12.44
O3' FAD F . -16.47 -0.45 -12.22
C4' FAD F . -18.28 -0.56 -13.82
O4' FAD F . -19.54 0.18 -14.26
C5' FAD F . -18.57 -1.98 -13.67
O5' FAD F . -18.87 -2.49 -15.01
P FAD F . -19.25 -3.98 -15.22
O1P FAD F . -20.51 -4.18 -14.46
O2P FAD F . -19.43 -4.13 -16.62
O3P FAD F . -18.10 -4.95 -14.73
C6 P22 G . -8.76 11.49 -8.98
C7 P22 G . -7.73 12.64 -9.11
O7 P22 G . -6.54 13.34 -9.91
PA P22 G . -5.77 13.12 -11.13
O1A P22 G . -4.75 14.11 -11.38
O2A P22 G . -5.14 11.87 -11.09
O3A P22 G . -6.81 13.18 -12.30
PB P22 G . -7.83 14.26 -12.85
O1B P22 G . -9.10 14.01 -12.25
O2B P22 G . -7.73 14.05 -14.29
O3B P22 G . -7.17 15.54 -12.47
K K H . 26.56 2.96 18.95
MG MG I . 20.90 -1.28 -0.79
C5 P23 J . 15.51 -5.51 3.10
C6 P23 J . 16.12 -4.45 2.21
C7 P23 J . 17.32 -3.93 1.47
O7 P23 J . 17.71 -2.83 0.60
PA P23 J . 18.21 -1.47 0.83
O1A P23 J . 18.85 -1.00 -0.37
O2A P23 J . 17.17 -0.57 1.15
O3A P23 J . 19.31 -1.47 1.98
PB P23 J . 20.68 -2.22 2.24
O1B P23 J . 20.37 -3.43 2.95
O2B P23 J . 21.41 -1.17 2.95
O3B P23 J . 21.19 -2.44 0.88
C4 1SM K . 11.54 -16.23 13.42
C5 1SM K . 10.55 -15.27 13.14
C6 1SM K . 10.42 -14.77 11.83
C1 1SM K . 11.24 -15.19 10.74
C2 1SM K . 12.25 -16.18 11.05
C3 1SM K . 12.39 -16.69 12.38
S7 1SM K . 13.49 -17.00 10.12
N8 1SM K . 14.00 -15.97 8.83
C9 1SM K . 14.60 -14.79 9.00
N10 1SM K . 14.95 -14.12 7.92
C2' 1SM K . 15.52 -13.00 7.54
N1' 1SM K . 15.73 -12.64 6.16
C6' 1SM K . 16.35 -11.39 5.86
C5' 1SM K . 16.79 -10.43 6.91
C4' 1SM K . 16.53 -10.86 8.30
N3' 1SM K . 15.91 -12.13 8.60
O7A 1SM K . 14.88 -17.30 11.08
O7B 1SM K . 12.80 -18.24 9.17
O9 1SM K . 14.82 -14.34 10.14
C11 1SM K . 11.13 -14.70 9.35
O12 1SM K . 11.61 -13.37 9.07
C13 1SM K . 11.51 -12.90 7.72
O11 1SM K . 10.65 -15.46 8.49
C8' 1SM K . 16.93 -9.97 9.38
C7' 1SM K . 16.57 -11.06 4.46
PA FAD L . 8.68 -2.92 21.29
O1A FAD L . 7.92 -1.67 20.99
O2A FAD L . 8.69 -3.96 20.28
O5B FAD L . 8.23 -3.60 22.54
C5B FAD L . 8.11 -2.78 23.75
C4B FAD L . 7.66 -3.66 24.87
O4B FAD L . 7.57 -2.72 25.95
C3B FAD L . 6.21 -4.33 24.82
O3B FAD L . 6.08 -5.60 25.44
C2B FAD L . 5.37 -3.23 25.32
O2B FAD L . 4.01 -3.40 25.50
C1B FAD L . 6.28 -2.77 26.50
N9A FAD L . 5.94 -1.38 27.04
C8A FAD L . 5.55 -0.30 26.12
N7A FAD L . 5.27 0.84 26.66
C5A FAD L . 5.43 0.65 27.98
C6A FAD L . 5.29 1.48 29.29
N6A FAD L . 4.93 2.73 29.25
N1A FAD L . 5.57 0.84 30.59
C2A FAD L . 5.98 -0.55 30.67
N3A FAD L . 6.13 -1.38 29.55
C4A FAD L . 5.86 -0.76 28.24
N1 FAD L . 16.39 -5.44 17.50
C2 FAD L . 17.44 -5.66 18.33
O2 FAD L . 17.34 -5.25 19.50
N3 FAD L . 18.63 -6.23 17.88
C4 FAD L . 18.85 -6.57 16.53
O4 FAD L . 19.85 -7.17 16.14
C4X FAD L . 17.76 -6.26 15.59
N5 FAD L . 17.93 -6.51 14.24
C5X FAD L . 16.92 -6.19 13.39
C6 FAD L . 17.19 -6.30 11.99
C7 FAD L . 16.27 -5.81 11.04
C7M FAD L . 16.69 -5.80 9.60
C8 FAD L . 14.98 -5.23 11.48
C8M FAD L . 13.99 -4.58 10.52
C9 FAD L . 14.68 -5.20 12.87
C9A FAD L . 15.63 -5.61 13.86
N10 FAD L . 15.43 -5.47 15.25
C10 FAD L . 16.50 -5.71 16.14
C1' FAD L . 14.20 -4.74 15.76
C2' FAD L . 13.33 -5.79 16.30
O2' FAD L . 12.55 -6.48 15.31
C3' FAD L . 12.29 -5.32 17.35
O3' FAD L . 11.44 -4.29 16.63
C4' FAD L . 12.85 -4.53 18.58
O4' FAD L . 13.98 -5.38 19.14
C5' FAD L . 11.78 -4.41 19.58
O5' FAD L . 12.34 -3.64 20.69
P FAD L . 11.48 -3.31 21.95
O1P FAD L . 11.08 -4.62 22.55
O2P FAD L . 12.32 -2.54 22.80
O3P FAD L . 10.20 -2.45 21.57
#